data_4BUB
#
_entry.id   4BUB
#
_cell.length_a   74.387
_cell.length_b   74.387
_cell.length_c   441.759
_cell.angle_alpha   90.00
_cell.angle_beta   90.00
_cell.angle_gamma   120.00
#
_symmetry.space_group_name_H-M   'P 61'
#
loop_
_entity.id
_entity.type
_entity.pdbx_description
1 polymer 'UDP-N-ACETYLMURAMOYL-L-ALANYL-D-GLUTAMATE--LD-LYSINE LIGASE'
2 non-polymer "ADENOSINE-5'-DIPHOSPHATE"
3 non-polymer 'MAGNESIUM ION'
4 water water
#
_entity_poly.entity_id   1
_entity_poly.type   'polypeptide(L)'
_entity_poly.pdbx_seq_one_letter_code
;(MSE)NISTIVSNLKDLILEVRAPYDLEITGVSNHSSKVKKGDLFICRRGEKFDSHEIIPEV(MSE)EKGAVAVVVEREI
DLDFPYIQVFDSRYFEAKVASLFFEDPWKDVLTFGVTGTNGKTTTT(MSE)(MSE)IYH(MSE)LTSLGERGSVLTTAVK
RILGNSYYDDITTPDAITILSA(MSE)KENREGGGKFFALEVSSHALVQQRVEGVRFDVGIFTNISRDHLDFHGTFENYL
KAKLHLFDLLKDDGVAVLNESLADAFNRKSRKITFGTSKNADYRLGNIEVSWEGTQFVLETPDGLLKVFTRAIGDFNAYN
AAAAIAALHQLGYDPKDLASSLETFTGVEGRFEVVRGAKKIGLNVVVDFAHSPDALEKLLKNVRKISQGRVIVVFGAGGN
SDRGKRP(MSE)(MSE)SEVASKLADVVILTTDDPRGEDPEQI(MSE)EDLIKGIDKRKPYLVLFDRREAIETALTIANR
GDSVVIAGRGHERYQIIDEEKKVPFQDREVVEEIIRDKLKGRKYAQLEHHHHHH
;
_entity_poly.pdbx_strand_id   A,B
#
loop_
_chem_comp.id
_chem_comp.type
_chem_comp.name
_chem_comp.formula
ADP non-polymer ADENOSINE-5'-DIPHOSPHATE 'C10 H15 N5 O10 P2'
MG non-polymer 'MAGNESIUM ION' 'Mg 2'
#
# COMPACT_ATOMS: atom_id res chain seq x y z
N MSE A 1 -26.46 12.32 -23.99
CA MSE A 1 -27.75 11.58 -23.84
C MSE A 1 -28.92 12.52 -24.02
O MSE A 1 -29.25 13.30 -23.14
CB MSE A 1 -27.78 10.97 -22.44
CG MSE A 1 -29.11 10.27 -22.13
SE MSE A 1 -28.98 8.95 -20.65
CE MSE A 1 -27.64 7.80 -21.56
N ASN A 2 -29.56 12.43 -25.19
CA ASN A 2 -30.92 12.97 -25.37
C ASN A 2 -31.84 12.35 -24.35
N ILE A 3 -32.97 13.01 -24.10
CA ILE A 3 -34.15 12.29 -23.58
C ILE A 3 -34.67 11.26 -24.59
N SER A 4 -34.44 11.52 -25.88
CA SER A 4 -34.86 10.61 -26.94
C SER A 4 -34.20 9.28 -26.77
N THR A 5 -32.95 9.31 -26.29
CA THR A 5 -32.20 8.07 -26.09
C THR A 5 -32.76 7.25 -24.92
N ILE A 6 -33.12 7.97 -23.85
CA ILE A 6 -33.67 7.37 -22.65
C ILE A 6 -34.95 6.58 -22.93
N VAL A 7 -36.07 7.30 -23.01
CA VAL A 7 -37.30 6.81 -23.64
C VAL A 7 -37.08 5.68 -24.68
N SER A 8 -36.31 5.93 -25.72
CA SER A 8 -36.08 4.89 -26.71
C SER A 8 -35.58 3.57 -26.12
N ASN A 9 -34.45 3.59 -25.40
CA ASN A 9 -33.86 2.37 -24.81
C ASN A 9 -34.68 1.73 -23.69
N LEU A 10 -35.31 2.57 -22.88
CA LEU A 10 -35.87 2.15 -21.60
C LEU A 10 -37.36 2.43 -21.54
N LYS A 11 -38.03 2.19 -22.66
CA LYS A 11 -39.36 2.72 -22.83
C LYS A 11 -40.38 2.12 -21.90
N ASP A 12 -40.22 0.85 -21.57
CA ASP A 12 -41.28 0.13 -20.91
C ASP A 12 -41.37 0.39 -19.40
N LEU A 13 -40.26 0.81 -18.82
CA LEU A 13 -40.29 1.31 -17.45
C LEU A 13 -41.10 2.57 -17.36
N ILE A 14 -41.01 3.40 -18.39
CA ILE A 14 -41.55 4.76 -18.32
C ILE A 14 -43.05 4.83 -18.56
N LEU A 15 -43.74 5.40 -17.59
CA LEU A 15 -45.18 5.61 -17.66
C LEU A 15 -45.49 6.74 -18.63
N GLU A 16 -45.23 7.97 -18.19
CA GLU A 16 -45.48 9.15 -19.02
C GLU A 16 -44.28 10.07 -19.15
N VAL A 17 -43.94 10.41 -20.39
CA VAL A 17 -42.96 11.45 -20.67
C VAL A 17 -43.66 12.78 -20.95
N ARG A 18 -43.59 13.70 -19.99
CA ARG A 18 -43.81 15.14 -20.28
C ARG A 18 -42.49 15.91 -20.34
N ALA A 19 -41.77 15.74 -21.45
CA ALA A 19 -40.48 16.40 -21.65
C ALA A 19 -40.02 16.34 -23.10
N PRO A 20 -39.40 17.44 -23.57
CA PRO A 20 -38.80 17.61 -24.87
C PRO A 20 -37.92 16.45 -25.23
N TYR A 21 -38.05 15.96 -26.45
CA TYR A 21 -37.17 14.92 -26.95
C TYR A 21 -35.73 15.43 -26.93
N ASP A 22 -35.56 16.65 -26.42
CA ASP A 22 -34.36 17.46 -26.65
C ASP A 22 -33.38 17.52 -25.47
N LEU A 23 -33.92 17.74 -24.27
CA LEU A 23 -33.12 18.14 -23.10
C LEU A 23 -31.90 17.29 -22.82
N GLU A 24 -30.88 17.40 -23.68
CA GLU A 24 -29.62 16.74 -23.41
C GLU A 24 -29.41 16.65 -21.91
N ILE A 25 -29.02 15.46 -21.47
CA ILE A 25 -28.77 15.19 -20.05
C ILE A 25 -27.28 15.00 -19.75
N THR A 26 -26.79 15.71 -18.73
CA THR A 26 -25.36 15.84 -18.51
C THR A 26 -24.86 14.99 -17.34
N GLY A 27 -25.80 14.48 -16.55
CA GLY A 27 -25.47 13.69 -15.37
C GLY A 27 -26.72 13.19 -14.69
N VAL A 28 -26.55 12.38 -13.65
CA VAL A 28 -27.69 11.88 -12.90
C VAL A 28 -27.41 12.08 -11.42
N SER A 29 -28.46 12.31 -10.63
CA SER A 29 -28.32 12.44 -9.18
C SER A 29 -29.57 12.16 -8.36
N ASN A 30 -29.35 11.72 -7.13
CA ASN A 30 -30.40 11.17 -6.29
C ASN A 30 -30.66 12.06 -5.08
N HIS A 31 -29.58 12.57 -4.49
CA HIS A 31 -29.66 13.55 -3.40
C HIS A 31 -29.72 14.97 -3.95
N SER A 32 -30.44 15.85 -3.26
CA SER A 32 -30.44 17.29 -3.56
C SER A 32 -29.04 17.89 -3.39
N SER A 33 -28.49 17.72 -2.19
CA SER A 33 -27.11 18.09 -1.89
C SER A 33 -26.15 17.96 -3.07
N LYS A 34 -26.40 16.98 -3.95
CA LYS A 34 -25.42 16.59 -4.97
C LYS A 34 -25.70 17.04 -6.41
N VAL A 35 -26.81 17.73 -6.66
CA VAL A 35 -27.18 18.05 -8.04
C VAL A 35 -26.18 18.98 -8.71
N LYS A 36 -25.77 18.60 -9.92
CA LYS A 36 -24.99 19.46 -10.78
C LYS A 36 -25.95 20.21 -11.70
N LYS A 37 -25.40 20.99 -12.63
CA LYS A 37 -26.21 21.70 -13.60
C LYS A 37 -26.34 20.90 -14.88
N GLY A 38 -27.59 20.53 -15.21
CA GLY A 38 -27.88 19.71 -16.38
C GLY A 38 -28.25 18.29 -16.02
N ASP A 39 -27.99 17.93 -14.76
CA ASP A 39 -28.26 16.58 -14.29
C ASP A 39 -29.76 16.29 -14.33
N LEU A 40 -30.12 15.01 -14.31
CA LEU A 40 -31.50 14.58 -14.11
C LEU A 40 -31.68 14.12 -12.68
N PHE A 41 -32.70 14.62 -12.01
CA PHE A 41 -32.87 14.34 -10.59
C PHE A 41 -33.99 13.34 -10.37
N ILE A 42 -33.73 12.33 -9.53
CA ILE A 42 -34.70 11.25 -9.34
C ILE A 42 -35.29 11.25 -7.94
N CYS A 43 -36.56 11.63 -7.87
CA CYS A 43 -37.20 11.93 -6.62
C CYS A 43 -37.77 10.67 -5.98
N ARG A 44 -37.10 10.19 -4.94
CA ARG A 44 -37.53 8.99 -4.21
C ARG A 44 -38.71 9.22 -3.30
N ARG A 45 -39.53 8.19 -3.13
CA ARG A 45 -40.64 8.22 -2.16
C ARG A 45 -40.14 8.25 -0.71
N GLU A 53 -42.19 20.10 -3.44
CA GLU A 53 -41.54 20.62 -2.21
C GLU A 53 -40.03 20.73 -2.40
N ILE A 54 -39.41 19.57 -2.63
CA ILE A 54 -38.01 19.46 -3.01
C ILE A 54 -37.84 19.77 -4.50
N ILE A 55 -38.82 19.34 -5.30
CA ILE A 55 -38.80 19.52 -6.75
C ILE A 55 -38.40 20.94 -7.11
N PRO A 56 -39.15 21.95 -6.59
CA PRO A 56 -38.78 23.34 -6.86
C PRO A 56 -37.34 23.62 -6.45
N GLU A 57 -36.89 23.05 -5.34
CA GLU A 57 -35.53 23.30 -4.89
C GLU A 57 -34.51 22.76 -5.87
N VAL A 58 -34.63 21.48 -6.17
CA VAL A 58 -33.63 20.80 -7.00
C VAL A 58 -33.54 21.33 -8.43
N MSE A 59 -34.55 22.09 -8.86
CA MSE A 59 -34.58 22.66 -10.22
C MSE A 59 -33.73 23.91 -10.29
O MSE A 59 -32.98 24.08 -11.26
CB MSE A 59 -36.00 22.96 -10.68
CG MSE A 59 -36.84 21.68 -10.91
SE MSE A 59 -36.66 20.79 -12.69
CE MSE A 59 -36.37 22.39 -13.83
N GLU A 60 -33.83 24.76 -9.28
CA GLU A 60 -33.01 25.97 -9.21
C GLU A 60 -31.54 25.62 -9.11
N LYS A 61 -31.25 24.54 -8.38
CA LYS A 61 -29.87 24.11 -8.17
C LYS A 61 -29.17 23.70 -9.46
N GLY A 62 -29.97 23.49 -10.52
CA GLY A 62 -29.44 23.36 -11.89
C GLY A 62 -29.94 22.13 -12.63
N ALA A 63 -31.07 21.59 -12.20
CA ALA A 63 -31.57 20.31 -12.76
C ALA A 63 -32.36 20.50 -14.05
N VAL A 64 -31.94 19.80 -15.12
CA VAL A 64 -32.66 19.83 -16.40
C VAL A 64 -34.06 19.19 -16.37
N ALA A 65 -34.18 18.05 -15.68
CA ALA A 65 -35.47 17.38 -15.48
C ALA A 65 -35.48 16.42 -14.28
N VAL A 66 -36.66 15.96 -13.92
CA VAL A 66 -36.85 15.22 -12.69
C VAL A 66 -37.73 13.95 -12.90
N VAL A 67 -37.24 12.79 -12.46
CA VAL A 67 -38.00 11.52 -12.46
C VAL A 67 -38.89 11.39 -11.21
N VAL A 68 -40.10 10.88 -11.37
CA VAL A 68 -41.04 10.83 -10.24
C VAL A 68 -42.13 9.74 -10.38
N GLU A 69 -42.52 9.16 -9.23
CA GLU A 69 -43.42 8.01 -9.22
C GLU A 69 -44.91 8.34 -9.25
N ARG A 70 -45.28 9.52 -8.73
CA ARG A 70 -46.65 10.02 -8.91
C ARG A 70 -46.72 11.37 -9.61
N GLU A 71 -47.94 11.76 -10.01
CA GLU A 71 -48.17 13.01 -10.73
C GLU A 71 -47.56 14.20 -10.00
N ILE A 72 -46.71 14.94 -10.71
CA ILE A 72 -46.07 16.10 -10.13
C ILE A 72 -47.00 17.31 -10.08
N ASP A 73 -47.47 17.74 -11.27
CA ASP A 73 -48.26 18.96 -11.39
C ASP A 73 -47.44 20.23 -11.12
N LEU A 74 -46.33 20.36 -11.85
CA LEU A 74 -45.49 21.57 -11.80
C LEU A 74 -44.85 21.83 -13.17
N ASP A 75 -44.64 23.10 -13.47
CA ASP A 75 -44.21 23.55 -14.81
C ASP A 75 -42.96 22.83 -15.36
N PHE A 76 -42.44 21.86 -14.60
CA PHE A 76 -41.07 21.40 -14.79
C PHE A 76 -40.99 20.11 -15.60
N PRO A 77 -40.01 20.02 -16.53
CA PRO A 77 -39.76 18.81 -17.32
C PRO A 77 -39.61 17.57 -16.45
N TYR A 78 -40.43 16.56 -16.71
CA TYR A 78 -40.41 15.38 -15.86
C TYR A 78 -40.83 14.08 -16.54
N ILE A 79 -40.01 13.04 -16.35
CA ILE A 79 -40.38 11.65 -16.64
C ILE A 79 -40.98 10.97 -15.42
N GLN A 80 -42.18 10.46 -15.57
CA GLN A 80 -42.84 9.74 -14.49
C GLN A 80 -42.73 8.24 -14.73
N VAL A 81 -42.28 7.52 -13.71
CA VAL A 81 -41.89 6.11 -13.91
C VAL A 81 -42.72 5.24 -13.01
N PHE A 82 -42.73 3.94 -13.29
CA PHE A 82 -43.47 3.00 -12.45
C PHE A 82 -42.73 2.77 -11.14
N ASP A 83 -41.41 2.55 -11.20
CA ASP A 83 -40.59 2.43 -9.99
C ASP A 83 -39.29 3.24 -10.01
N SER A 84 -39.33 4.38 -9.32
CA SER A 84 -38.21 5.31 -9.29
C SER A 84 -36.89 4.56 -9.13
N ARG A 85 -36.78 3.77 -8.07
CA ARG A 85 -35.50 3.23 -7.64
C ARG A 85 -34.94 2.29 -8.67
N TYR A 86 -35.83 1.54 -9.31
CA TYR A 86 -35.42 0.59 -10.34
C TYR A 86 -34.96 1.39 -11.52
N PHE A 87 -35.86 2.26 -11.98
CA PHE A 87 -35.51 3.19 -13.03
C PHE A 87 -34.10 3.70 -12.86
N GLU A 88 -33.80 4.29 -11.70
CA GLU A 88 -32.46 4.78 -11.39
C GLU A 88 -31.37 3.86 -11.90
N ALA A 89 -31.37 2.62 -11.44
CA ALA A 89 -30.33 1.66 -11.82
C ALA A 89 -30.18 1.66 -13.33
N LYS A 90 -31.31 1.48 -13.99
CA LYS A 90 -31.34 1.24 -15.42
C LYS A 90 -30.77 2.41 -16.24
N VAL A 91 -31.36 3.60 -16.04
CA VAL A 91 -30.80 4.85 -16.57
C VAL A 91 -29.32 4.89 -16.37
N ALA A 92 -28.90 5.09 -15.13
CA ALA A 92 -27.50 5.01 -14.77
C ALA A 92 -26.64 4.13 -15.71
N SER A 93 -27.03 2.86 -15.89
CA SER A 93 -26.27 1.95 -16.76
C SER A 93 -26.02 2.56 -18.13
N LEU A 94 -27.06 3.14 -18.71
CA LEU A 94 -26.94 3.91 -19.96
C LEU A 94 -25.99 5.07 -19.89
N PHE A 95 -26.36 6.08 -19.09
CA PHE A 95 -25.65 7.36 -19.09
C PHE A 95 -24.13 7.18 -18.97
N PHE A 96 -23.71 6.18 -18.20
CA PHE A 96 -22.30 5.79 -18.14
C PHE A 96 -21.90 4.80 -19.23
N GLU A 97 -22.91 4.30 -19.95
CA GLU A 97 -22.68 3.51 -21.15
C GLU A 97 -22.16 2.11 -20.81
N ASP A 98 -22.97 1.39 -20.03
CA ASP A 98 -22.73 -0.02 -19.66
C ASP A 98 -21.26 -0.35 -19.49
N PRO A 99 -20.65 0.13 -18.40
CA PRO A 99 -19.20 -0.05 -18.19
C PRO A 99 -18.85 -1.51 -17.95
N TRP A 100 -19.85 -2.31 -17.62
CA TRP A 100 -19.65 -3.74 -17.39
C TRP A 100 -19.31 -4.66 -18.62
N LYS A 101 -19.77 -4.31 -19.83
CA LYS A 101 -19.50 -5.17 -21.01
C LYS A 101 -18.01 -5.38 -21.23
N ASP A 102 -17.23 -4.34 -21.00
CA ASP A 102 -15.83 -4.34 -21.36
C ASP A 102 -14.93 -4.90 -20.25
N VAL A 103 -15.46 -4.95 -19.02
CA VAL A 103 -14.66 -5.29 -17.84
C VAL A 103 -15.18 -6.58 -17.14
N LEU A 104 -14.26 -7.50 -16.79
CA LEU A 104 -14.62 -8.70 -16.01
C LEU A 104 -15.15 -8.32 -14.64
N THR A 105 -16.46 -8.40 -14.49
CA THR A 105 -17.13 -7.97 -13.27
C THR A 105 -17.36 -9.16 -12.34
N PHE A 106 -17.26 -8.91 -11.03
CA PHE A 106 -17.49 -9.93 -10.01
C PHE A 106 -18.45 -9.37 -8.99
N GLY A 107 -19.53 -10.10 -8.73
CA GLY A 107 -20.41 -9.83 -7.60
C GLY A 107 -20.39 -10.92 -6.55
N VAL A 108 -20.29 -10.51 -5.29
CA VAL A 108 -20.08 -11.45 -4.22
C VAL A 108 -21.09 -11.21 -3.12
N THR A 109 -21.97 -12.17 -2.90
CA THR A 109 -23.00 -12.05 -1.88
C THR A 109 -23.01 -13.31 -1.09
N GLY A 110 -23.77 -13.31 -0.02
CA GLY A 110 -23.73 -14.35 0.95
C GLY A 110 -23.97 -13.64 2.25
N THR A 111 -24.12 -14.40 3.31
CA THR A 111 -24.32 -13.80 4.60
C THR A 111 -22.98 -13.28 5.11
N ASN A 112 -21.93 -14.01 4.75
CA ASN A 112 -20.64 -13.90 5.40
C ASN A 112 -19.52 -14.14 4.43
N GLY A 113 -18.46 -13.37 4.58
CA GLY A 113 -17.29 -13.56 3.74
C GLY A 113 -17.34 -12.73 2.47
N LYS A 114 -18.32 -11.84 2.37
CA LYS A 114 -18.37 -10.99 1.20
C LYS A 114 -17.05 -10.26 1.07
N THR A 115 -16.68 -9.50 2.10
CA THR A 115 -15.54 -8.60 1.99
C THR A 115 -14.26 -9.34 1.79
N THR A 116 -14.01 -10.34 2.61
CA THR A 116 -12.79 -11.11 2.44
C THR A 116 -12.66 -11.73 1.07
N THR A 117 -13.71 -12.40 0.62
CA THR A 117 -13.61 -13.08 -0.67
C THR A 117 -13.35 -12.07 -1.78
N THR A 118 -14.03 -10.92 -1.73
CA THR A 118 -13.90 -9.91 -2.79
C THR A 118 -12.50 -9.38 -2.82
N MSE A 119 -11.95 -9.14 -1.63
CA MSE A 119 -10.67 -8.50 -1.47
C MSE A 119 -9.59 -9.41 -1.93
O MSE A 119 -8.51 -8.96 -2.31
CB MSE A 119 -10.39 -8.23 0.01
CG MSE A 119 -10.97 -6.90 0.47
SE MSE A 119 -10.42 -5.40 -0.68
CE MSE A 119 -8.48 -5.78 -0.71
N MSE A 120 -9.84 -10.72 -1.88
CA MSE A 120 -8.85 -11.72 -2.26
C MSE A 120 -8.81 -11.70 -3.74
O MSE A 120 -7.74 -11.49 -4.32
CB MSE A 120 -9.30 -13.11 -1.85
CG MSE A 120 -8.54 -13.65 -0.65
SE MSE A 120 -9.72 -14.96 0.24
CE MSE A 120 -8.43 -15.78 1.49
N ILE A 121 -9.96 -11.92 -4.37
CA ILE A 121 -10.08 -11.76 -5.81
C ILE A 121 -9.25 -10.55 -6.24
N TYR A 122 -9.63 -9.37 -5.76
CA TYR A 122 -8.88 -8.17 -6.04
C TYR A 122 -7.38 -8.42 -5.90
N HIS A 123 -6.96 -8.79 -4.71
CA HIS A 123 -5.55 -8.95 -4.46
C HIS A 123 -4.91 -10.01 -5.34
N MSE A 124 -5.71 -10.97 -5.75
CA MSE A 124 -5.19 -12.16 -6.40
C MSE A 124 -5.02 -11.93 -7.87
O MSE A 124 -4.38 -12.72 -8.54
CB MSE A 124 -6.22 -13.26 -6.25
CG MSE A 124 -5.68 -14.42 -5.41
SE MSE A 124 -7.00 -15.88 -5.48
CE MSE A 124 -8.64 -14.82 -5.79
N LEU A 125 -5.61 -10.84 -8.37
CA LEU A 125 -5.50 -10.48 -9.76
C LEU A 125 -4.38 -9.46 -9.96
N THR A 126 -4.49 -8.31 -9.31
CA THR A 126 -3.37 -7.39 -9.27
C THR A 126 -2.08 -8.18 -9.10
N SER A 127 -2.07 -9.06 -8.09
CA SER A 127 -0.87 -9.81 -7.71
C SER A 127 -0.40 -10.76 -8.80
N LEU A 128 -1.34 -11.39 -9.50
CA LEU A 128 -1.00 -12.19 -10.67
C LEU A 128 -0.96 -11.28 -11.89
N GLY A 129 -0.70 -10.01 -11.64
CA GLY A 129 -0.46 -9.03 -12.68
C GLY A 129 -1.72 -8.71 -13.46
N GLU A 130 -2.19 -7.47 -13.31
CA GLU A 130 -3.45 -7.01 -13.92
C GLU A 130 -3.96 -5.83 -13.12
N ARG A 131 -4.86 -5.07 -13.73
CA ARG A 131 -5.28 -3.81 -13.15
C ARG A 131 -6.77 -3.62 -13.25
N GLY A 132 -7.38 -3.32 -12.11
CA GLY A 132 -8.82 -3.14 -12.00
C GLY A 132 -9.16 -2.37 -10.76
N SER A 133 -10.20 -2.82 -10.07
CA SER A 133 -10.88 -1.97 -9.12
C SER A 133 -11.79 -2.79 -8.20
N VAL A 134 -11.80 -2.44 -6.91
CA VAL A 134 -12.67 -3.09 -5.93
C VAL A 134 -13.56 -2.09 -5.20
N LEU A 135 -14.65 -2.58 -4.63
CA LEU A 135 -15.65 -1.73 -4.02
C LEU A 135 -16.47 -2.61 -3.08
N THR A 136 -16.19 -2.50 -1.78
CA THR A 136 -16.87 -3.30 -0.77
C THR A 136 -17.44 -2.33 0.27
N THR A 137 -17.65 -2.80 1.49
CA THR A 137 -17.97 -1.87 2.57
C THR A 137 -16.68 -1.23 3.06
N ALA A 138 -15.67 -2.05 3.28
CA ALA A 138 -14.50 -1.64 4.05
C ALA A 138 -13.37 -1.04 3.20
N VAL A 139 -13.39 -1.31 1.90
CA VAL A 139 -12.29 -0.88 1.07
C VAL A 139 -12.79 -0.58 -0.33
N LYS A 140 -12.60 0.66 -0.74
CA LYS A 140 -12.86 1.07 -2.10
C LYS A 140 -11.55 1.44 -2.77
N ARG A 141 -11.21 0.78 -3.87
CA ARG A 141 -10.08 1.20 -4.69
C ARG A 141 -10.49 1.47 -6.12
N ILE A 142 -10.69 2.75 -6.42
CA ILE A 142 -11.46 3.21 -7.58
C ILE A 142 -10.72 3.00 -8.91
N LEU A 143 -9.39 3.00 -8.88
CA LEU A 143 -8.62 2.58 -10.05
C LEU A 143 -7.22 2.25 -9.59
N GLY A 144 -6.33 3.23 -9.63
CA GLY A 144 -5.12 3.19 -8.84
C GLY A 144 -5.45 3.67 -7.43
N ASN A 145 -6.11 4.83 -7.37
CA ASN A 145 -6.49 5.45 -6.10
C ASN A 145 -7.12 4.46 -5.19
N SER A 146 -6.74 4.52 -3.92
CA SER A 146 -7.55 3.91 -2.90
C SER A 146 -8.37 4.99 -2.22
N TYR A 147 -9.23 5.65 -2.97
CA TYR A 147 -10.16 6.58 -2.37
C TYR A 147 -10.88 6.00 -1.12
N TYR A 148 -10.14 5.84 -0.02
CA TYR A 148 -10.71 5.37 1.26
C TYR A 148 -11.65 6.42 1.84
N ASP A 149 -12.94 6.06 1.95
CA ASP A 149 -13.93 7.02 2.43
C ASP A 149 -15.31 6.42 2.65
N ASP A 150 -16.34 7.28 2.49
CA ASP A 150 -17.71 7.02 2.93
C ASP A 150 -18.48 6.08 1.99
N ILE A 151 -18.43 4.77 2.26
CA ILE A 151 -19.06 3.75 1.38
C ILE A 151 -19.86 2.64 2.08
N THR A 152 -20.80 3.02 2.96
CA THR A 152 -21.91 2.14 3.37
C THR A 152 -23.22 2.63 2.74
N THR A 153 -23.22 3.86 2.23
CA THR A 153 -24.40 4.50 1.61
C THR A 153 -24.27 4.74 0.10
N PRO A 154 -23.63 3.81 -0.64
CA PRO A 154 -23.68 4.01 -2.08
C PRO A 154 -25.04 3.63 -2.65
N ASP A 155 -25.43 4.29 -3.74
CA ASP A 155 -26.63 3.94 -4.49
C ASP A 155 -26.23 3.33 -5.84
N ALA A 156 -27.18 3.29 -6.77
CA ALA A 156 -26.91 2.77 -8.11
C ALA A 156 -25.88 3.62 -8.85
N ILE A 157 -26.09 4.94 -8.84
CA ILE A 157 -25.29 5.85 -9.64
C ILE A 157 -23.82 5.86 -9.22
N THR A 158 -23.56 5.77 -7.91
CA THR A 158 -22.19 5.85 -7.38
C THR A 158 -21.37 4.62 -7.80
N ILE A 159 -21.99 3.45 -7.71
CA ILE A 159 -21.39 2.21 -8.15
C ILE A 159 -21.07 2.26 -9.64
N LEU A 160 -22.08 2.61 -10.45
CA LEU A 160 -21.93 2.59 -11.90
C LEU A 160 -20.98 3.67 -12.33
N SER A 161 -21.05 4.80 -11.65
CA SER A 161 -20.06 5.85 -11.81
C SER A 161 -18.70 5.20 -11.82
N ALA A 162 -18.44 4.42 -10.76
CA ALA A 162 -17.10 4.01 -10.36
C ALA A 162 -16.58 2.90 -11.25
N MSE A 163 -17.49 2.31 -12.03
CA MSE A 163 -17.14 1.25 -12.97
C MSE A 163 -16.75 1.86 -14.28
O MSE A 163 -16.03 1.25 -15.09
CB MSE A 163 -18.42 0.48 -13.21
CG MSE A 163 -18.79 -0.37 -12.01
SE MSE A 163 -20.03 -1.78 -12.62
CE MSE A 163 -18.79 -2.73 -13.83
N LYS A 164 -17.26 3.07 -14.52
CA LYS A 164 -16.89 3.84 -15.68
C LYS A 164 -15.53 4.55 -15.56
N GLU A 165 -15.09 4.87 -14.33
CA GLU A 165 -13.68 5.23 -14.12
C GLU A 165 -12.80 4.04 -14.44
N ASN A 166 -13.21 2.87 -13.95
CA ASN A 166 -12.42 1.67 -14.12
C ASN A 166 -12.14 1.40 -15.59
N ARG A 167 -13.18 1.48 -16.43
CA ARG A 167 -13.08 1.03 -17.83
C ARG A 167 -12.35 2.05 -18.67
N GLU A 168 -12.76 3.30 -18.57
CA GLU A 168 -12.07 4.42 -19.21
C GLU A 168 -10.60 4.48 -18.83
N GLY A 169 -10.33 4.33 -17.52
CA GLY A 169 -8.96 4.27 -17.02
C GLY A 169 -8.25 2.95 -17.32
N GLY A 170 -8.90 2.07 -18.08
CA GLY A 170 -8.25 0.88 -18.65
C GLY A 170 -8.00 -0.30 -17.71
N GLY A 171 -9.00 -0.66 -16.89
CA GLY A 171 -8.98 -1.89 -16.10
C GLY A 171 -10.04 -2.86 -16.59
N LYS A 172 -9.69 -4.13 -16.75
CA LYS A 172 -10.60 -5.13 -17.31
C LYS A 172 -11.30 -5.95 -16.22
N PHE A 173 -11.48 -5.37 -15.05
CA PHE A 173 -12.19 -6.07 -13.99
C PHE A 173 -12.57 -5.19 -12.83
N PHE A 174 -13.74 -5.47 -12.29
CA PHE A 174 -14.29 -4.71 -11.20
C PHE A 174 -14.86 -5.70 -10.19
N ALA A 175 -14.36 -5.62 -8.95
CA ALA A 175 -14.73 -6.58 -7.89
C ALA A 175 -15.65 -5.90 -6.88
N LEU A 176 -16.88 -6.37 -6.81
CA LEU A 176 -17.88 -5.63 -6.10
C LEU A 176 -18.60 -6.51 -5.06
N GLU A 177 -18.74 -6.00 -3.85
CA GLU A 177 -19.47 -6.70 -2.79
C GLU A 177 -20.94 -6.39 -2.94
N VAL A 178 -21.74 -7.43 -3.13
CA VAL A 178 -23.17 -7.24 -3.20
C VAL A 178 -23.90 -7.47 -1.85
N SER A 179 -24.05 -6.39 -1.09
CA SER A 179 -24.73 -6.41 0.22
C SER A 179 -26.16 -6.92 0.10
N SER A 180 -26.58 -7.68 1.10
CA SER A 180 -27.93 -8.24 1.11
C SER A 180 -28.94 -7.09 1.14
N HIS A 181 -28.61 -6.08 1.92
CA HIS A 181 -29.17 -4.72 1.83
C HIS A 181 -29.29 -4.26 0.38
N ALA A 182 -28.15 -4.23 -0.33
CA ALA A 182 -28.05 -3.62 -1.67
C ALA A 182 -28.93 -4.28 -2.71
N LEU A 183 -29.27 -5.54 -2.53
CA LEU A 183 -30.16 -6.19 -3.48
C LEU A 183 -31.58 -5.67 -3.34
N VAL A 184 -31.87 -5.07 -2.19
CA VAL A 184 -33.19 -4.52 -1.92
C VAL A 184 -33.33 -3.14 -2.56
N GLN A 185 -32.45 -2.22 -2.16
CA GLN A 185 -32.31 -0.97 -2.89
C GLN A 185 -32.48 -1.25 -4.37
N GLN A 186 -31.95 -2.39 -4.81
CA GLN A 186 -31.77 -2.63 -6.22
C GLN A 186 -30.54 -1.89 -6.72
N ARG A 187 -29.63 -1.52 -5.81
CA ARG A 187 -28.47 -0.72 -6.18
C ARG A 187 -27.88 -1.25 -7.46
N VAL A 188 -27.76 -2.56 -7.55
CA VAL A 188 -26.90 -3.17 -8.55
C VAL A 188 -27.71 -3.93 -9.63
N GLU A 189 -28.79 -3.30 -10.05
CA GLU A 189 -29.79 -3.92 -10.90
C GLU A 189 -29.51 -3.63 -12.37
N GLY A 190 -28.75 -2.58 -12.64
CA GLY A 190 -28.42 -2.22 -14.00
C GLY A 190 -27.09 -2.84 -14.40
N VAL A 191 -26.62 -3.79 -13.62
CA VAL A 191 -25.32 -4.42 -13.86
C VAL A 191 -25.52 -5.82 -14.47
N ARG A 192 -24.48 -6.32 -15.11
CA ARG A 192 -24.43 -7.73 -15.41
C ARG A 192 -23.04 -8.21 -15.11
N PHE A 193 -22.99 -9.34 -14.41
CA PHE A 193 -21.75 -9.84 -13.90
C PHE A 193 -21.27 -11.01 -14.72
N ASP A 194 -19.95 -11.12 -14.82
CA ASP A 194 -19.30 -12.18 -15.53
C ASP A 194 -19.16 -13.39 -14.62
N VAL A 195 -19.00 -13.16 -13.33
CA VAL A 195 -18.99 -14.24 -12.35
C VAL A 195 -19.88 -13.87 -11.17
N GLY A 196 -20.27 -14.85 -10.38
CA GLY A 196 -21.24 -14.61 -9.34
C GLY A 196 -20.99 -15.54 -8.19
N ILE A 197 -20.42 -15.00 -7.13
CA ILE A 197 -20.05 -15.81 -6.00
C ILE A 197 -21.09 -15.72 -4.91
N PHE A 198 -21.44 -16.87 -4.35
CA PHE A 198 -22.43 -16.93 -3.29
C PHE A 198 -21.89 -17.78 -2.18
N THR A 199 -21.42 -17.12 -1.13
CA THR A 199 -20.47 -17.71 -0.23
C THR A 199 -21.12 -18.64 0.81
N ASN A 200 -22.04 -18.10 1.58
CA ASN A 200 -22.76 -18.89 2.56
C ASN A 200 -24.14 -18.27 2.84
N ILE A 201 -24.90 -18.92 3.71
CA ILE A 201 -26.24 -18.49 4.05
C ILE A 201 -26.45 -18.96 5.47
N SER A 202 -26.94 -18.06 6.33
CA SER A 202 -27.27 -18.43 7.70
C SER A 202 -28.76 -18.79 7.83
N ARG A 203 -29.03 -19.85 8.58
CA ARG A 203 -30.41 -20.31 8.82
C ARG A 203 -31.01 -19.78 10.13
N ASP A 204 -30.22 -18.97 10.86
CA ASP A 204 -30.59 -18.50 12.18
C ASP A 204 -31.50 -17.26 12.08
N HIS A 205 -31.08 -16.17 12.73
CA HIS A 205 -31.70 -14.85 12.57
C HIS A 205 -30.67 -13.72 12.55
N LEU A 206 -29.48 -14.05 12.04
CA LEU A 206 -28.52 -13.06 11.55
C LEU A 206 -29.01 -12.51 10.19
N ASP A 207 -28.57 -11.29 9.85
CA ASP A 207 -28.90 -10.64 8.55
C ASP A 207 -30.36 -10.86 8.07
N PHE A 208 -31.34 -10.79 8.97
CA PHE A 208 -32.69 -11.29 8.66
C PHE A 208 -33.81 -10.31 8.30
N HIS A 209 -34.54 -10.66 7.24
CA HIS A 209 -35.75 -9.95 6.84
C HIS A 209 -37.03 -10.74 7.18
N GLY A 210 -37.34 -11.76 6.37
CA GLY A 210 -38.62 -12.48 6.47
C GLY A 210 -38.53 -13.81 7.20
N THR A 211 -39.03 -14.88 6.58
CA THR A 211 -38.53 -16.23 6.88
C THR A 211 -37.31 -16.53 6.03
N PHE A 212 -36.84 -17.77 6.14
CA PHE A 212 -35.60 -18.18 5.49
C PHE A 212 -35.71 -18.24 3.98
N GLU A 213 -36.88 -18.62 3.47
CA GLU A 213 -37.09 -18.70 2.03
C GLU A 213 -37.03 -17.33 1.34
N ASN A 214 -37.69 -16.34 1.94
CA ASN A 214 -37.57 -14.94 1.52
C ASN A 214 -36.14 -14.42 1.61
N TYR A 215 -35.46 -14.84 2.66
CA TYR A 215 -34.10 -14.45 2.93
C TYR A 215 -33.19 -15.01 1.86
N LEU A 216 -33.50 -16.24 1.42
CA LEU A 216 -32.67 -16.97 0.48
C LEU A 216 -32.94 -16.56 -0.95
N LYS A 217 -34.19 -16.67 -1.38
CA LYS A 217 -34.61 -16.20 -2.70
C LYS A 217 -34.00 -14.87 -3.07
N ALA A 218 -34.05 -13.90 -2.16
CA ALA A 218 -33.56 -12.54 -2.42
C ALA A 218 -32.07 -12.52 -2.68
N LYS A 219 -31.36 -13.47 -2.08
CA LYS A 219 -29.92 -13.62 -2.30
C LYS A 219 -29.56 -14.39 -3.58
N LEU A 220 -30.53 -15.07 -4.17
CA LEU A 220 -30.32 -15.78 -5.41
C LEU A 220 -30.49 -14.82 -6.57
N HIS A 221 -31.20 -13.73 -6.30
CA HIS A 221 -31.54 -12.79 -7.35
C HIS A 221 -30.31 -12.35 -8.12
N LEU A 222 -29.21 -12.17 -7.40
CA LEU A 222 -27.92 -11.89 -8.00
C LEU A 222 -27.75 -12.62 -9.33
N PHE A 223 -28.19 -13.87 -9.38
CA PHE A 223 -27.86 -14.68 -10.52
C PHE A 223 -28.73 -14.42 -11.74
N ASP A 224 -29.88 -13.81 -11.52
CA ASP A 224 -30.52 -13.08 -12.61
C ASP A 224 -29.53 -12.10 -13.24
N LEU A 225 -28.87 -11.29 -12.41
CA LEU A 225 -28.07 -10.16 -12.93
C LEU A 225 -26.76 -10.60 -13.54
N LEU A 226 -26.74 -11.83 -14.05
CA LEU A 226 -25.49 -12.47 -14.44
C LEU A 226 -25.47 -12.60 -15.96
N LYS A 227 -24.33 -12.31 -16.59
CA LYS A 227 -24.23 -12.44 -18.05
C LYS A 227 -24.44 -13.88 -18.44
N ASP A 228 -25.22 -14.10 -19.49
CA ASP A 228 -25.50 -15.46 -19.99
C ASP A 228 -24.22 -16.15 -20.48
N ASP A 229 -23.17 -15.35 -20.63
CA ASP A 229 -21.81 -15.86 -20.84
C ASP A 229 -21.29 -16.51 -19.54
N GLY A 230 -21.54 -15.85 -18.41
CA GLY A 230 -20.78 -16.10 -17.20
C GLY A 230 -21.37 -17.12 -16.24
N VAL A 231 -20.70 -17.28 -15.10
CA VAL A 231 -20.87 -18.46 -14.27
C VAL A 231 -21.33 -18.12 -12.85
N ALA A 232 -22.07 -19.05 -12.24
CA ALA A 232 -22.44 -19.00 -10.84
C ALA A 232 -21.49 -19.83 -9.97
N VAL A 233 -20.82 -19.17 -9.03
CA VAL A 233 -19.94 -19.90 -8.14
C VAL A 233 -20.57 -20.07 -6.78
N LEU A 234 -20.95 -21.31 -6.48
CA LEU A 234 -21.89 -21.62 -5.42
C LEU A 234 -21.26 -22.39 -4.31
N ASN A 235 -21.83 -22.26 -3.12
CA ASN A 235 -21.50 -23.16 -2.02
C ASN A 235 -22.18 -24.51 -2.21
N GLU A 236 -21.43 -25.57 -1.92
CA GLU A 236 -21.95 -26.93 -2.03
C GLU A 236 -23.31 -27.07 -1.34
N SER A 237 -23.38 -26.61 -0.09
CA SER A 237 -24.60 -26.74 0.71
C SER A 237 -25.84 -26.06 0.10
N LEU A 238 -25.64 -25.25 -0.94
CA LEU A 238 -26.76 -24.63 -1.65
C LEU A 238 -26.95 -25.23 -3.04
N ALA A 239 -26.35 -26.39 -3.27
CA ALA A 239 -26.41 -27.02 -4.59
C ALA A 239 -27.82 -26.89 -5.15
N ASP A 240 -28.77 -27.60 -4.54
CA ASP A 240 -30.07 -27.84 -5.13
C ASP A 240 -30.95 -26.59 -5.15
N ALA A 241 -30.62 -25.62 -4.30
CA ALA A 241 -31.41 -24.39 -4.18
C ALA A 241 -31.38 -23.57 -5.47
N PHE A 242 -30.32 -23.75 -6.26
CA PHE A 242 -30.14 -22.97 -7.46
C PHE A 242 -31.29 -23.13 -8.43
N ASN A 243 -32.22 -22.18 -8.36
CA ASN A 243 -33.52 -22.28 -9.06
C ASN A 243 -33.44 -21.90 -10.54
N ARG A 244 -32.28 -21.38 -10.96
CA ARG A 244 -32.10 -20.94 -12.33
C ARG A 244 -31.32 -21.95 -13.15
N LYS A 245 -31.01 -21.59 -14.39
CA LYS A 245 -30.35 -22.49 -15.33
C LYS A 245 -29.14 -21.81 -15.96
N SER A 246 -28.01 -21.94 -15.30
CA SER A 246 -26.77 -21.32 -15.75
C SER A 246 -25.64 -22.19 -15.27
N ARG A 247 -24.41 -21.85 -15.65
CA ARG A 247 -23.26 -22.59 -15.16
C ARG A 247 -23.15 -22.55 -13.64
N LYS A 248 -23.15 -23.72 -12.99
CA LYS A 248 -22.79 -23.85 -11.56
C LYS A 248 -21.35 -24.40 -11.35
N ILE A 249 -20.60 -23.71 -10.52
CA ILE A 249 -19.42 -24.29 -9.89
C ILE A 249 -19.62 -24.33 -8.38
N THR A 250 -19.61 -25.53 -7.81
CA THR A 250 -19.68 -25.70 -6.36
C THR A 250 -18.29 -25.70 -5.75
N PHE A 251 -18.21 -25.32 -4.48
CA PHE A 251 -17.04 -25.54 -3.64
C PHE A 251 -17.50 -25.96 -2.24
N GLY A 252 -16.60 -26.56 -1.47
CA GLY A 252 -16.96 -27.01 -0.13
C GLY A 252 -16.15 -28.21 0.32
N THR A 253 -16.78 -29.04 1.15
CA THR A 253 -16.05 -30.16 1.74
C THR A 253 -16.65 -31.50 1.39
N SER A 254 -17.95 -31.49 1.06
CA SER A 254 -18.59 -32.65 0.45
C SER A 254 -17.79 -33.18 -0.74
N LYS A 255 -17.78 -34.51 -0.89
CA LYS A 255 -16.87 -35.15 -1.82
C LYS A 255 -17.30 -34.94 -3.26
N ASN A 256 -18.41 -34.24 -3.43
CA ASN A 256 -19.02 -34.08 -4.73
C ASN A 256 -19.14 -32.61 -5.16
N ALA A 257 -18.42 -31.74 -4.48
CA ALA A 257 -18.35 -30.35 -4.91
C ALA A 257 -17.23 -30.16 -5.92
N ASP A 258 -17.46 -29.27 -6.88
CA ASP A 258 -16.52 -29.05 -7.97
C ASP A 258 -15.11 -28.79 -7.44
N TYR A 259 -15.01 -27.84 -6.50
CA TYR A 259 -13.75 -27.53 -5.79
C TYR A 259 -13.88 -27.84 -4.30
N ARG A 260 -12.99 -28.68 -3.79
CA ARG A 260 -13.23 -29.37 -2.53
C ARG A 260 -12.06 -29.13 -1.60
N LEU A 261 -12.33 -28.44 -0.50
CA LEU A 261 -11.25 -28.04 0.38
C LEU A 261 -11.14 -28.97 1.58
N GLY A 262 -9.92 -29.12 2.10
CA GLY A 262 -9.56 -30.20 3.01
C GLY A 262 -8.93 -29.75 4.32
N ASN A 263 -7.67 -30.13 4.53
CA ASN A 263 -7.04 -30.06 5.85
C ASN A 263 -6.74 -28.65 6.22
N ILE A 264 -7.74 -27.97 6.78
CA ILE A 264 -7.57 -26.63 7.29
C ILE A 264 -6.69 -26.67 8.53
N GLU A 265 -5.68 -25.79 8.58
CA GLU A 265 -4.77 -25.74 9.72
C GLU A 265 -4.45 -24.30 10.13
N VAL A 266 -5.25 -23.78 11.03
CA VAL A 266 -5.12 -22.40 11.44
C VAL A 266 -4.07 -22.28 12.53
N SER A 267 -3.18 -21.29 12.39
CA SER A 267 -2.07 -21.03 13.31
C SER A 267 -1.67 -19.58 13.08
N TRP A 268 -0.84 -19.00 13.95
CA TRP A 268 -0.55 -17.55 13.92
C TRP A 268 0.11 -17.14 12.60
N GLU A 269 0.70 -18.10 11.88
CA GLU A 269 1.15 -17.84 10.52
C GLU A 269 -0.01 -17.70 9.51
N GLY A 270 -1.15 -18.32 9.79
CA GLY A 270 -2.32 -18.23 8.94
C GLY A 270 -3.00 -19.56 8.66
N THR A 271 -4.17 -19.48 8.02
CA THR A 271 -4.86 -20.64 7.45
C THR A 271 -3.98 -21.34 6.40
N GLN A 272 -3.79 -22.63 6.60
CA GLN A 272 -3.18 -23.51 5.60
C GLN A 272 -4.24 -24.56 5.29
N PHE A 273 -4.62 -24.69 4.03
CA PHE A 273 -5.60 -25.72 3.62
C PHE A 273 -5.22 -26.44 2.33
N VAL A 274 -5.92 -27.51 2.00
CA VAL A 274 -5.58 -28.25 0.79
C VAL A 274 -6.80 -28.42 -0.13
N LEU A 275 -6.74 -27.80 -1.31
CA LEU A 275 -7.90 -27.66 -2.22
C LEU A 275 -7.81 -28.60 -3.41
N GLU A 276 -8.89 -29.35 -3.64
CA GLU A 276 -8.95 -30.30 -4.74
C GLU A 276 -9.72 -29.68 -5.90
N THR A 277 -8.97 -29.11 -6.84
CA THR A 277 -9.52 -28.58 -8.08
C THR A 277 -9.93 -29.75 -8.99
N PRO A 278 -10.88 -29.52 -9.92
CA PRO A 278 -11.38 -30.69 -10.60
C PRO A 278 -10.45 -31.17 -11.72
N ASP A 279 -9.30 -30.52 -11.87
CA ASP A 279 -8.28 -31.00 -12.79
C ASP A 279 -6.96 -31.38 -12.09
N GLY A 280 -6.76 -30.86 -10.88
CA GLY A 280 -5.59 -31.20 -10.09
C GLY A 280 -5.85 -31.24 -8.59
N LEU A 281 -5.04 -30.49 -7.86
CA LEU A 281 -4.97 -30.56 -6.38
C LEU A 281 -3.72 -29.78 -5.91
N LEU A 282 -3.81 -29.11 -4.76
CA LEU A 282 -2.80 -28.11 -4.38
C LEU A 282 -2.88 -27.67 -2.92
N LYS A 283 -1.73 -27.44 -2.30
CA LYS A 283 -1.68 -26.71 -1.03
C LYS A 283 -2.05 -25.27 -1.27
N VAL A 284 -2.86 -24.71 -0.39
CA VAL A 284 -3.04 -23.28 -0.33
C VAL A 284 -2.71 -22.78 1.05
N PHE A 285 -1.97 -21.68 1.10
CA PHE A 285 -1.66 -21.01 2.34
C PHE A 285 -2.07 -19.56 2.17
N THR A 286 -3.01 -19.11 2.99
CA THR A 286 -3.31 -17.71 3.08
C THR A 286 -2.60 -17.29 4.34
N ARG A 287 -2.25 -16.01 4.43
CA ARG A 287 -1.62 -15.55 5.66
C ARG A 287 -2.66 -15.12 6.70
N ALA A 288 -3.84 -14.74 6.24
CA ALA A 288 -4.92 -14.33 7.13
C ALA A 288 -5.38 -15.50 8.01
N ILE A 289 -5.61 -15.23 9.30
CA ILE A 289 -6.04 -16.28 10.22
C ILE A 289 -7.55 -16.53 10.17
N GLY A 290 -7.95 -17.79 10.35
CA GLY A 290 -9.35 -18.18 10.43
C GLY A 290 -9.69 -19.32 9.49
N ASP A 291 -10.30 -20.35 10.03
CA ASP A 291 -10.77 -21.48 9.22
C ASP A 291 -11.80 -21.07 8.19
N PHE A 292 -12.62 -20.08 8.52
CA PHE A 292 -13.61 -19.50 7.60
C PHE A 292 -12.93 -18.99 6.34
N ASN A 293 -11.67 -18.58 6.49
CA ASN A 293 -10.86 -18.11 5.39
C ASN A 293 -10.52 -19.12 4.32
N ALA A 294 -10.74 -20.41 4.58
CA ALA A 294 -10.58 -21.42 3.52
C ALA A 294 -11.76 -21.53 2.54
N TYR A 295 -12.98 -21.28 2.99
CA TYR A 295 -14.12 -21.32 2.07
C TYR A 295 -14.19 -20.00 1.30
N ASN A 296 -13.45 -18.99 1.76
CA ASN A 296 -13.37 -17.73 1.05
C ASN A 296 -12.36 -17.85 -0.07
N ALA A 297 -11.17 -18.32 0.31
CA ALA A 297 -10.11 -18.66 -0.63
C ALA A 297 -10.57 -19.63 -1.75
N ALA A 298 -11.24 -20.71 -1.36
CA ALA A 298 -11.72 -21.71 -2.31
C ALA A 298 -12.68 -21.12 -3.31
N ALA A 299 -13.63 -20.32 -2.82
CA ALA A 299 -14.57 -19.60 -3.65
C ALA A 299 -13.88 -18.73 -4.67
N ALA A 300 -12.74 -18.16 -4.29
CA ALA A 300 -11.97 -17.36 -5.23
C ALA A 300 -11.20 -18.23 -6.25
N ILE A 301 -10.22 -19.02 -5.80
CA ILE A 301 -9.48 -19.90 -6.71
C ILE A 301 -10.41 -20.63 -7.68
N ALA A 302 -11.67 -20.81 -7.30
CA ALA A 302 -12.64 -21.35 -8.23
C ALA A 302 -13.06 -20.30 -9.26
N ALA A 303 -13.85 -19.32 -8.85
CA ALA A 303 -14.26 -18.22 -9.75
C ALA A 303 -13.15 -17.73 -10.68
N LEU A 304 -11.99 -17.47 -10.08
CA LEU A 304 -10.85 -17.03 -10.84
C LEU A 304 -10.44 -18.07 -11.87
N HIS A 305 -10.13 -19.26 -11.39
CA HIS A 305 -9.57 -20.31 -12.25
C HIS A 305 -10.58 -20.81 -13.28
N GLN A 306 -11.84 -20.41 -13.13
CA GLN A 306 -12.90 -20.71 -14.09
C GLN A 306 -12.71 -19.87 -15.33
N LEU A 307 -11.55 -19.21 -15.39
CA LEU A 307 -11.11 -18.47 -16.56
C LEU A 307 -9.65 -18.82 -16.78
N GLY A 308 -9.37 -20.11 -16.91
CA GLY A 308 -8.04 -20.63 -17.28
C GLY A 308 -6.78 -19.95 -16.74
N TYR A 309 -6.90 -19.12 -15.70
CA TYR A 309 -5.75 -18.79 -14.85
C TYR A 309 -5.18 -20.08 -14.28
N ASP A 310 -3.87 -20.25 -14.40
CA ASP A 310 -3.22 -21.44 -13.87
C ASP A 310 -3.36 -21.42 -12.36
N PRO A 311 -4.00 -22.47 -11.81
CA PRO A 311 -4.27 -22.65 -10.37
C PRO A 311 -3.04 -22.46 -9.49
N LYS A 312 -2.04 -23.34 -9.64
CA LYS A 312 -0.80 -23.21 -8.89
C LYS A 312 -0.40 -21.74 -8.64
N ASP A 313 -0.54 -20.91 -9.67
CA ASP A 313 -0.08 -19.52 -9.63
C ASP A 313 -1.03 -18.63 -8.85
N LEU A 314 -2.32 -18.86 -9.05
CA LEU A 314 -3.38 -18.28 -8.23
C LEU A 314 -3.17 -18.61 -6.75
N ALA A 315 -2.97 -19.90 -6.46
CA ALA A 315 -2.70 -20.38 -5.10
C ALA A 315 -1.49 -19.71 -4.48
N SER A 316 -0.52 -19.36 -5.30
CA SER A 316 0.68 -18.72 -4.79
C SER A 316 0.41 -17.26 -4.54
N SER A 317 -0.74 -16.79 -5.03
CA SER A 317 -1.17 -15.42 -4.81
C SER A 317 -1.61 -15.26 -3.38
N LEU A 318 -2.38 -16.23 -2.91
CA LEU A 318 -3.00 -16.12 -1.61
C LEU A 318 -1.98 -16.00 -0.49
N GLU A 319 -0.74 -16.35 -0.81
CA GLU A 319 0.32 -16.32 0.17
C GLU A 319 0.62 -14.90 0.60
N THR A 320 0.49 -13.96 -0.33
CA THR A 320 0.82 -12.57 -0.07
C THR A 320 -0.31 -11.85 0.68
N PHE A 321 -1.52 -12.42 0.63
CA PHE A 321 -2.72 -11.80 1.18
C PHE A 321 -2.75 -11.91 2.70
N THR A 322 -2.71 -10.76 3.37
CA THR A 322 -2.64 -10.72 4.83
C THR A 322 -3.92 -10.18 5.49
N GLY A 323 -5.07 -10.60 5.00
CA GLY A 323 -6.34 -10.27 5.65
C GLY A 323 -6.84 -8.91 5.24
N VAL A 324 -7.86 -8.43 5.92
CA VAL A 324 -8.40 -7.11 5.64
C VAL A 324 -8.27 -6.27 6.88
N GLU A 325 -7.90 -5.00 6.71
CA GLU A 325 -7.65 -4.20 7.87
C GLU A 325 -8.87 -4.19 8.77
N GLY A 326 -8.68 -4.58 10.03
CA GLY A 326 -9.77 -4.58 10.99
C GLY A 326 -10.42 -5.93 11.14
N ARG A 327 -9.86 -6.93 10.45
CA ARG A 327 -10.36 -8.32 10.46
C ARG A 327 -9.25 -9.32 10.83
N PHE A 328 -9.30 -9.79 12.08
CA PHE A 328 -8.21 -10.55 12.68
C PHE A 328 -6.83 -9.90 12.67
N GLU A 329 -6.78 -8.57 12.75
CA GLU A 329 -5.55 -7.84 12.61
C GLU A 329 -4.66 -8.19 13.80
N VAL A 330 -3.61 -8.96 13.56
CA VAL A 330 -2.69 -9.28 14.65
C VAL A 330 -1.77 -8.09 14.87
N VAL A 331 -1.61 -7.70 16.13
CA VAL A 331 -0.58 -6.74 16.48
C VAL A 331 0.73 -7.48 16.68
N ARG A 332 1.33 -7.92 15.58
CA ARG A 332 2.48 -8.77 15.67
C ARG A 332 3.54 -8.01 16.47
N GLY A 333 3.40 -6.69 16.49
CA GLY A 333 4.30 -5.82 17.23
C GLY A 333 4.06 -5.78 18.73
N ALA A 334 3.39 -6.80 19.25
CA ALA A 334 3.11 -6.92 20.69
C ALA A 334 3.98 -7.99 21.36
N LYS A 335 4.39 -8.98 20.59
CA LYS A 335 5.33 -9.98 21.08
C LYS A 335 6.53 -9.26 21.70
N LYS A 336 6.74 -7.99 21.32
CA LYS A 336 7.80 -7.13 21.87
C LYS A 336 7.70 -7.03 23.39
N ILE A 337 6.48 -7.11 23.90
CA ILE A 337 6.20 -7.22 25.33
C ILE A 337 6.33 -8.66 25.79
N GLY A 338 5.31 -9.46 25.50
CA GLY A 338 5.27 -10.82 25.98
C GLY A 338 3.95 -11.45 25.58
N LEU A 339 3.15 -10.67 24.84
CA LEU A 339 1.78 -11.03 24.57
C LEU A 339 1.54 -10.93 23.09
N ASN A 340 0.55 -11.68 22.62
CA ASN A 340 -0.03 -11.41 21.30
C ASN A 340 -1.46 -10.89 21.35
N VAL A 341 -1.71 -9.87 20.52
CA VAL A 341 -2.94 -9.12 20.60
C VAL A 341 -3.66 -9.14 19.28
N VAL A 342 -4.97 -9.29 19.32
CA VAL A 342 -5.77 -9.31 18.12
C VAL A 342 -6.81 -8.19 18.13
N VAL A 343 -6.86 -7.44 17.05
CA VAL A 343 -7.89 -6.43 16.88
C VAL A 343 -8.89 -7.00 15.90
N ASP A 344 -10.17 -7.02 16.27
CA ASP A 344 -11.25 -7.31 15.32
C ASP A 344 -12.42 -6.34 15.49
N PHE A 345 -13.46 -6.51 14.66
CA PHE A 345 -14.60 -5.58 14.62
C PHE A 345 -15.95 -6.15 15.05
N ALA A 346 -16.00 -7.46 15.31
CA ALA A 346 -17.18 -8.15 15.86
C ALA A 346 -18.25 -7.28 16.56
N HIS A 347 -19.39 -7.07 15.91
CA HIS A 347 -20.57 -6.48 16.57
C HIS A 347 -21.84 -7.36 16.52
N SER A 348 -21.66 -8.65 16.27
CA SER A 348 -22.74 -9.62 16.44
C SER A 348 -22.28 -10.66 17.46
N PRO A 349 -23.24 -11.37 18.10
CA PRO A 349 -22.95 -12.52 18.96
C PRO A 349 -22.15 -13.56 18.18
N ASP A 350 -22.21 -13.44 16.86
CA ASP A 350 -21.82 -14.49 15.94
C ASP A 350 -20.35 -14.32 15.62
N ALA A 351 -20.02 -13.18 15.02
CA ALA A 351 -18.63 -12.83 14.72
C ALA A 351 -17.78 -12.97 15.96
N LEU A 352 -18.30 -12.47 17.08
CA LEU A 352 -17.72 -12.72 18.39
C LEU A 352 -17.34 -14.18 18.61
N GLU A 353 -18.28 -15.10 18.45
CA GLU A 353 -18.02 -16.50 18.71
C GLU A 353 -16.92 -17.06 17.80
N LYS A 354 -17.09 -16.80 16.50
CA LYS A 354 -16.15 -17.29 15.50
C LYS A 354 -14.72 -16.91 15.85
N LEU A 355 -14.55 -15.61 16.11
CA LEU A 355 -13.29 -15.03 16.55
C LEU A 355 -12.65 -15.80 17.70
N LEU A 356 -13.37 -15.87 18.83
CA LEU A 356 -12.82 -16.43 20.06
C LEU A 356 -12.40 -17.88 19.85
N LYS A 357 -13.22 -18.64 19.13
CA LYS A 357 -12.91 -20.03 18.78
C LYS A 357 -11.58 -20.10 18.05
N ASN A 358 -11.39 -19.15 17.13
CA ASN A 358 -10.16 -19.13 16.34
C ASN A 358 -8.96 -18.71 17.14
N VAL A 359 -9.10 -17.71 18.00
CA VAL A 359 -8.03 -17.37 18.94
C VAL A 359 -7.82 -18.53 19.89
N ARG A 360 -8.90 -19.24 20.17
CA ARG A 360 -8.80 -20.38 21.03
C ARG A 360 -7.89 -21.43 20.41
N LYS A 361 -8.22 -21.90 19.21
CA LYS A 361 -7.40 -22.91 18.47
C LYS A 361 -5.95 -22.49 18.35
N ILE A 362 -5.77 -21.25 17.92
CA ILE A 362 -4.49 -20.74 17.58
C ILE A 362 -3.66 -20.42 18.84
N SER A 363 -4.33 -20.09 19.96
CA SER A 363 -3.65 -19.64 21.19
C SER A 363 -3.30 -20.77 22.14
N GLN A 364 -2.01 -20.87 22.45
CA GLN A 364 -1.53 -21.79 23.47
C GLN A 364 -1.39 -20.99 24.78
N GLY A 365 -2.51 -20.71 25.41
CA GLY A 365 -2.53 -19.84 26.58
C GLY A 365 -3.89 -19.24 26.89
N ARG A 366 -3.90 -18.24 27.76
CA ARG A 366 -5.14 -17.61 28.19
C ARG A 366 -5.64 -16.55 27.20
N VAL A 367 -6.96 -16.42 27.11
CA VAL A 367 -7.60 -15.52 26.14
C VAL A 367 -8.46 -14.50 26.83
N ILE A 368 -8.07 -13.22 26.76
CA ILE A 368 -8.78 -12.16 27.45
C ILE A 368 -9.48 -11.20 26.48
N VAL A 369 -10.73 -10.88 26.73
CA VAL A 369 -11.47 -10.13 25.72
C VAL A 369 -12.02 -8.79 26.18
N VAL A 370 -11.50 -7.75 25.52
CA VAL A 370 -12.02 -6.40 25.65
C VAL A 370 -13.08 -6.12 24.61
N PHE A 371 -14.29 -5.79 25.06
CA PHE A 371 -15.34 -5.33 24.15
C PHE A 371 -16.41 -4.41 24.79
N GLY A 372 -17.21 -3.80 23.94
CA GLY A 372 -18.44 -3.13 24.32
C GLY A 372 -19.44 -3.31 23.19
N ALA A 373 -20.50 -2.49 23.17
CA ALA A 373 -21.52 -2.64 22.15
C ALA A 373 -21.88 -1.28 21.56
N GLY A 374 -22.28 -1.26 20.30
CA GLY A 374 -22.62 -0.01 19.65
C GLY A 374 -24.02 0.48 19.97
N GLY A 375 -24.15 1.76 20.28
CA GLY A 375 -25.46 2.41 20.40
C GLY A 375 -26.32 2.24 19.16
N ASN A 376 -27.60 1.96 19.38
CA ASN A 376 -28.61 1.98 18.33
C ASN A 376 -28.51 0.88 17.26
N SER A 377 -27.83 -0.22 17.57
CA SER A 377 -28.18 -1.48 16.95
C SER A 377 -29.10 -2.22 17.93
N ASP A 378 -29.40 -3.49 17.61
CA ASP A 378 -30.24 -4.34 18.46
C ASP A 378 -29.93 -4.21 19.96
N ARG A 379 -30.95 -3.89 20.76
CA ARG A 379 -30.77 -3.69 22.21
C ARG A 379 -30.74 -5.03 22.94
N GLY A 380 -31.26 -6.06 22.29
CA GLY A 380 -31.52 -7.33 22.96
C GLY A 380 -30.52 -8.38 22.58
N LYS A 381 -29.91 -8.21 21.42
CA LYS A 381 -28.76 -9.04 21.03
C LYS A 381 -27.50 -8.73 21.84
N ARG A 382 -27.62 -7.78 22.78
CA ARG A 382 -26.48 -7.30 23.58
C ARG A 382 -26.11 -8.24 24.71
N PRO A 383 -27.07 -8.55 25.61
CA PRO A 383 -26.70 -9.39 26.74
C PRO A 383 -26.20 -10.76 26.28
N MSE A 384 -26.59 -11.17 25.07
CA MSE A 384 -26.15 -12.45 24.56
C MSE A 384 -24.82 -12.37 23.90
O MSE A 384 -24.16 -13.39 23.68
CB MSE A 384 -27.21 -13.08 23.69
CG MSE A 384 -27.35 -12.45 22.31
SE MSE A 384 -28.67 -13.55 21.34
CE MSE A 384 -27.45 -14.92 20.61
N MSE A 385 -24.38 -11.17 23.58
CA MSE A 385 -23.02 -10.96 23.11
C MSE A 385 -22.09 -11.26 24.23
O MSE A 385 -21.05 -11.88 24.03
CB MSE A 385 -22.81 -9.53 22.68
CG MSE A 385 -21.91 -9.55 21.45
SE MSE A 385 -22.18 -7.87 20.48
CE MSE A 385 -20.35 -7.16 20.72
N SER A 386 -22.46 -10.80 25.43
CA SER A 386 -21.67 -11.07 26.64
C SER A 386 -21.70 -12.56 26.97
N GLU A 387 -22.90 -13.14 26.85
CA GLU A 387 -23.07 -14.56 27.08
C GLU A 387 -22.03 -15.34 26.32
N VAL A 388 -21.87 -15.03 25.04
CA VAL A 388 -20.87 -15.69 24.20
C VAL A 388 -19.49 -15.57 24.80
N ALA A 389 -19.08 -14.32 25.03
CA ALA A 389 -17.73 -14.00 25.52
C ALA A 389 -17.47 -14.52 26.94
N SER A 390 -18.53 -14.53 27.76
CA SER A 390 -18.51 -15.12 29.10
C SER A 390 -18.15 -16.62 29.10
N LYS A 391 -18.48 -17.32 28.01
CA LYS A 391 -18.19 -18.73 27.86
C LYS A 391 -16.82 -18.97 27.28
N LEU A 392 -16.57 -18.43 26.09
CA LEU A 392 -15.39 -18.79 25.31
C LEU A 392 -14.11 -18.06 25.74
N ALA A 393 -14.18 -17.24 26.77
CA ALA A 393 -13.03 -16.42 27.15
C ALA A 393 -12.72 -16.40 28.64
N ASP A 394 -11.43 -16.47 28.96
CA ASP A 394 -10.98 -16.62 30.33
C ASP A 394 -11.31 -15.43 31.22
N VAL A 395 -11.05 -14.22 30.73
CA VAL A 395 -11.38 -12.96 31.44
C VAL A 395 -12.13 -12.07 30.46
N VAL A 396 -13.23 -11.47 30.89
CA VAL A 396 -13.94 -10.55 30.01
C VAL A 396 -13.95 -9.10 30.51
N ILE A 397 -13.22 -8.25 29.79
CA ILE A 397 -13.18 -6.84 30.17
C ILE A 397 -14.15 -6.01 29.39
N LEU A 398 -15.04 -5.38 30.13
CA LEU A 398 -16.18 -4.72 29.51
C LEU A 398 -15.98 -3.22 29.45
N THR A 399 -15.95 -2.70 28.23
CA THR A 399 -15.68 -1.28 28.06
C THR A 399 -16.60 -0.59 27.09
N THR A 400 -16.62 0.74 27.18
CA THR A 400 -17.45 1.60 26.35
C THR A 400 -17.00 1.65 24.88
N ASP A 401 -17.96 1.62 23.97
CA ASP A 401 -17.68 1.43 22.57
C ASP A 401 -17.97 2.73 21.81
N ASP A 402 -19.03 2.74 20.99
CA ASP A 402 -19.50 3.95 20.33
C ASP A 402 -20.94 4.27 20.74
N PRO A 403 -21.12 4.81 21.95
CA PRO A 403 -22.48 4.92 22.45
C PRO A 403 -23.15 6.08 21.77
N ARG A 404 -23.49 5.93 20.49
CA ARG A 404 -23.80 7.09 19.66
C ARG A 404 -24.81 7.99 20.29
N GLY A 405 -26.08 7.77 19.97
CA GLY A 405 -27.15 8.39 20.72
C GLY A 405 -27.07 7.92 22.16
N GLU A 406 -27.21 6.60 22.33
CA GLU A 406 -27.48 5.99 23.62
C GLU A 406 -26.58 6.48 24.77
N ASP A 407 -27.19 6.64 25.93
CA ASP A 407 -26.49 6.88 27.18
C ASP A 407 -25.69 5.62 27.54
N PRO A 408 -24.34 5.73 27.57
CA PRO A 408 -23.42 4.57 27.70
C PRO A 408 -23.67 3.62 28.88
N GLU A 409 -24.12 4.17 30.02
CA GLU A 409 -24.41 3.39 31.23
C GLU A 409 -25.75 2.68 31.13
N GLN A 410 -26.45 2.93 30.03
CA GLN A 410 -27.72 2.32 29.77
C GLN A 410 -27.51 1.31 28.66
N ILE A 411 -26.25 1.23 28.21
CA ILE A 411 -25.80 0.17 27.34
C ILE A 411 -25.15 -0.89 28.19
N MSE A 412 -24.38 -0.43 29.17
CA MSE A 412 -23.55 -1.33 29.95
C MSE A 412 -24.45 -2.22 30.76
O MSE A 412 -24.18 -3.40 30.93
CB MSE A 412 -22.62 -0.52 30.82
CG MSE A 412 -21.60 -1.40 31.54
SE MSE A 412 -20.14 -2.08 30.38
CE MSE A 412 -19.93 -0.55 29.13
N GLU A 413 -25.55 -1.66 31.26
CA GLU A 413 -26.55 -2.45 31.98
C GLU A 413 -27.04 -3.61 31.13
N ASP A 414 -27.45 -3.30 29.90
CA ASP A 414 -27.91 -4.30 28.92
C ASP A 414 -26.88 -5.40 28.63
N LEU A 415 -25.60 -5.03 28.66
CA LEU A 415 -24.53 -5.97 28.37
C LEU A 415 -24.29 -6.84 29.57
N ILE A 416 -24.39 -6.23 30.77
CA ILE A 416 -24.05 -6.89 32.04
C ILE A 416 -24.86 -8.15 32.35
N LYS A 417 -26.12 -8.18 31.92
CA LYS A 417 -26.98 -9.33 32.13
C LYS A 417 -26.43 -10.67 31.59
N GLY A 418 -25.82 -10.64 30.41
CA GLY A 418 -25.30 -11.86 29.77
C GLY A 418 -23.97 -12.37 30.31
N ILE A 419 -23.35 -11.59 31.18
CA ILE A 419 -22.12 -12.04 31.80
C ILE A 419 -22.47 -13.03 32.89
N ASP A 420 -21.97 -14.25 32.72
CA ASP A 420 -21.88 -15.20 33.81
C ASP A 420 -21.14 -14.53 34.99
N LYS A 421 -21.89 -14.16 36.03
CA LYS A 421 -21.29 -13.51 37.19
C LYS A 421 -20.36 -14.41 38.01
N ARG A 422 -20.38 -15.72 37.76
CA ARG A 422 -19.49 -16.67 38.45
C ARG A 422 -18.03 -16.57 38.05
N LYS A 423 -17.78 -16.41 36.76
CA LYS A 423 -16.42 -16.25 36.22
C LYS A 423 -15.90 -14.82 36.39
N PRO A 424 -14.57 -14.62 36.36
CA PRO A 424 -14.03 -13.27 36.60
C PRO A 424 -14.24 -12.27 35.42
N TYR A 425 -15.07 -11.26 35.66
CA TYR A 425 -15.38 -10.21 34.68
C TYR A 425 -15.09 -8.89 35.34
N LEU A 426 -14.84 -7.89 34.52
CA LEU A 426 -14.19 -6.70 35.01
C LEU A 426 -14.79 -5.58 34.19
N VAL A 427 -15.27 -4.53 34.85
CA VAL A 427 -15.98 -3.47 34.12
C VAL A 427 -15.31 -2.09 34.25
N LEU A 428 -14.83 -1.56 33.10
CA LEU A 428 -14.09 -0.29 33.02
C LEU A 428 -14.60 0.59 31.86
N PHE A 429 -15.13 1.76 32.18
CA PHE A 429 -15.96 2.52 31.26
C PHE A 429 -15.17 3.38 30.27
N ASP A 430 -13.86 3.31 30.34
CA ASP A 430 -13.01 4.11 29.51
C ASP A 430 -12.25 3.14 28.66
N ARG A 431 -12.46 3.20 27.35
CA ARG A 431 -11.86 2.23 26.45
C ARG A 431 -10.34 2.21 26.59
N ARG A 432 -9.79 3.40 26.73
CA ARG A 432 -8.37 3.60 26.94
C ARG A 432 -7.83 2.77 28.12
N GLU A 433 -8.54 2.78 29.25
CA GLU A 433 -8.08 2.06 30.45
C GLU A 433 -8.37 0.56 30.38
N ALA A 434 -9.52 0.22 29.81
CA ALA A 434 -9.86 -1.18 29.52
C ALA A 434 -8.71 -1.84 28.83
N ILE A 435 -8.23 -1.22 27.76
CA ILE A 435 -7.16 -1.81 26.98
C ILE A 435 -5.86 -1.86 27.80
N GLU A 436 -5.49 -0.72 28.38
CA GLU A 436 -4.31 -0.66 29.23
C GLU A 436 -4.36 -1.79 30.24
N THR A 437 -5.50 -1.96 30.91
CA THR A 437 -5.63 -2.93 31.98
C THR A 437 -5.40 -4.34 31.50
N ALA A 438 -6.07 -4.70 30.41
CA ALA A 438 -6.03 -6.05 29.87
C ALA A 438 -4.60 -6.42 29.52
N LEU A 439 -3.85 -5.46 29.04
CA LEU A 439 -2.47 -5.74 28.72
C LEU A 439 -1.68 -6.09 29.97
N THR A 440 -2.04 -5.47 31.10
CA THR A 440 -1.28 -5.64 32.35
C THR A 440 -1.61 -6.93 33.07
N ILE A 441 -2.90 -7.25 33.17
CA ILE A 441 -3.34 -8.47 33.87
C ILE A 441 -3.12 -9.74 33.05
N ALA A 442 -2.74 -9.59 31.80
CA ALA A 442 -2.48 -10.74 30.96
C ALA A 442 -1.01 -11.11 31.04
N ASN A 443 -0.73 -12.40 30.88
CA ASN A 443 0.53 -12.96 31.32
C ASN A 443 1.54 -13.19 30.21
N ARG A 444 2.56 -13.96 30.54
CA ARG A 444 3.49 -14.48 29.57
C ARG A 444 2.70 -15.25 28.52
N GLY A 445 2.60 -14.69 27.32
CA GLY A 445 2.08 -15.43 26.17
C GLY A 445 0.58 -15.67 26.16
N ASP A 446 -0.15 -14.83 26.88
CA ASP A 446 -1.60 -14.84 26.77
C ASP A 446 -1.99 -14.14 25.48
N SER A 447 -3.27 -14.19 25.16
CA SER A 447 -3.80 -13.45 24.03
C SER A 447 -4.83 -12.45 24.49
N VAL A 448 -4.65 -11.22 24.07
CA VAL A 448 -5.61 -10.19 24.34
C VAL A 448 -6.34 -9.85 23.05
N VAL A 449 -7.65 -10.00 23.06
CA VAL A 449 -8.47 -9.66 21.92
C VAL A 449 -9.31 -8.44 22.24
N ILE A 450 -9.30 -7.46 21.34
CA ILE A 450 -10.15 -6.28 21.47
C ILE A 450 -11.15 -6.24 20.35
N ALA A 451 -12.43 -6.25 20.67
CA ALA A 451 -13.46 -6.31 19.64
C ALA A 451 -14.32 -5.06 19.61
N GLY A 452 -15.17 -4.97 18.59
CA GLY A 452 -16.26 -4.00 18.56
C GLY A 452 -16.07 -2.95 17.49
N ARG A 453 -14.82 -2.59 17.19
CA ARG A 453 -14.54 -1.35 16.49
C ARG A 453 -13.72 -1.53 15.22
N GLY A 454 -12.61 -2.23 15.31
CA GLY A 454 -11.84 -2.53 14.11
C GLY A 454 -10.97 -1.40 13.59
N HIS A 455 -11.09 -1.12 12.29
CA HIS A 455 -10.30 -0.04 11.69
C HIS A 455 -10.88 1.36 11.94
N GLU A 456 -12.11 1.41 12.44
CA GLU A 456 -12.77 2.67 12.81
C GLU A 456 -11.83 3.72 13.43
N ARG A 457 -11.98 4.96 12.98
CA ARG A 457 -10.97 6.00 13.14
C ARG A 457 -11.31 6.96 14.29
N TYR A 458 -12.60 7.15 14.58
CA TYR A 458 -13.05 7.90 15.76
C TYR A 458 -13.96 7.06 16.63
N GLN A 459 -13.98 7.36 17.92
CA GLN A 459 -15.02 6.86 18.81
C GLN A 459 -16.20 7.85 18.83
N ILE A 460 -17.38 7.40 18.40
CA ILE A 460 -18.57 8.25 18.31
C ILE A 460 -19.43 8.33 19.60
N ILE A 461 -19.03 9.20 20.54
CA ILE A 461 -19.83 9.40 21.76
C ILE A 461 -21.12 10.16 21.45
N ASP A 462 -20.99 11.36 20.91
CA ASP A 462 -22.17 12.17 20.60
C ASP A 462 -22.54 12.05 19.15
N GLU A 463 -23.84 11.94 18.87
CA GLU A 463 -24.38 12.05 17.52
C GLU A 463 -23.45 12.96 16.72
N GLU A 464 -23.17 14.13 17.30
CA GLU A 464 -22.10 14.99 16.83
C GLU A 464 -21.21 15.47 17.98
N LYS A 465 -20.21 14.64 18.31
CA LYS A 465 -19.04 15.07 19.08
C LYS A 465 -18.14 13.87 19.37
N LYS A 466 -17.04 13.77 18.62
CA LYS A 466 -16.28 12.54 18.57
C LYS A 466 -14.77 12.69 18.67
N VAL A 467 -14.15 11.96 19.59
CA VAL A 467 -12.70 11.99 19.78
C VAL A 467 -11.94 10.90 19.02
N PRO A 468 -10.66 11.17 18.69
CA PRO A 468 -9.87 10.18 17.98
C PRO A 468 -9.58 8.95 18.83
N PHE A 469 -9.71 7.77 18.22
CA PHE A 469 -9.46 6.50 18.89
C PHE A 469 -9.34 5.33 17.90
N GLN A 470 -8.14 5.08 17.42
CA GLN A 470 -7.92 3.98 16.50
C GLN A 470 -7.54 2.73 17.29
N ASP A 471 -8.45 1.76 17.35
CA ASP A 471 -8.27 0.64 18.27
C ASP A 471 -6.84 0.10 18.22
N ARG A 472 -6.37 -0.24 17.02
CA ARG A 472 -5.08 -0.92 16.84
C ARG A 472 -3.94 -0.08 17.34
N GLU A 473 -4.11 1.23 17.27
CA GLU A 473 -3.01 2.19 17.34
C GLU A 473 -2.70 2.55 18.78
N VAL A 474 -3.77 2.88 19.51
CA VAL A 474 -3.74 2.98 20.96
C VAL A 474 -3.03 1.77 21.59
N VAL A 475 -3.28 0.57 21.09
CA VAL A 475 -2.54 -0.60 21.58
C VAL A 475 -1.07 -0.37 21.34
N GLU A 476 -0.70 -0.15 20.09
CA GLU A 476 0.70 0.02 19.77
C GLU A 476 1.30 1.13 20.64
N GLU A 477 0.50 2.16 20.92
CA GLU A 477 0.93 3.32 21.73
C GLU A 477 1.36 2.90 23.14
N ILE A 478 0.48 2.15 23.80
CA ILE A 478 0.69 1.62 25.13
C ILE A 478 1.87 0.67 25.25
N ILE A 479 2.12 -0.07 24.18
CA ILE A 479 3.26 -0.95 24.11
C ILE A 479 4.57 -0.16 23.95
N ARG A 480 4.52 0.94 23.19
CA ARG A 480 5.72 1.77 22.98
C ARG A 480 6.09 2.36 24.32
N ASP A 481 5.04 2.71 25.05
CA ASP A 481 5.17 3.26 26.37
C ASP A 481 5.69 2.26 27.45
N LYS A 482 5.25 1.01 27.42
CA LYS A 482 5.67 0.03 28.41
C LYS A 482 7.10 -0.38 28.20
N LEU A 483 7.45 -0.60 26.94
CA LEU A 483 8.83 -0.92 26.57
C LEU A 483 9.77 0.23 26.93
N LYS A 484 9.34 1.47 26.66
CA LYS A 484 10.09 2.66 27.07
C LYS A 484 10.77 2.48 28.43
N GLY A 485 10.04 1.88 29.38
CA GLY A 485 10.55 1.63 30.74
C GLY A 485 10.32 0.20 31.22
N MSE B 1 5.36 30.44 13.86
CA MSE B 1 6.70 30.47 14.48
C MSE B 1 7.14 31.90 14.63
O MSE B 1 7.25 32.62 13.63
CB MSE B 1 7.67 29.75 13.56
CG MSE B 1 9.10 30.22 13.87
SE MSE B 1 10.45 28.85 13.39
CE MSE B 1 10.20 27.72 14.99
N ASN B 2 7.40 32.32 15.87
CA ASN B 2 7.94 33.66 16.16
C ASN B 2 9.45 33.73 15.99
N ILE B 3 9.95 34.87 15.53
CA ILE B 3 11.38 35.06 15.43
C ILE B 3 12.08 35.13 16.79
N SER B 4 11.32 35.34 17.86
CA SER B 4 11.87 35.14 19.21
C SER B 4 12.08 33.66 19.52
N THR B 5 11.18 32.80 19.03
CA THR B 5 11.31 31.36 19.22
C THR B 5 12.58 30.85 18.55
N ILE B 6 12.86 31.35 17.34
CA ILE B 6 14.12 31.06 16.65
C ILE B 6 15.31 31.48 17.52
N VAL B 7 15.42 32.79 17.80
CA VAL B 7 16.62 33.36 18.43
C VAL B 7 16.82 32.86 19.86
N SER B 8 15.72 32.52 20.53
CA SER B 8 15.82 31.77 21.77
C SER B 8 16.43 30.41 21.46
N ASN B 9 15.76 29.68 20.57
CA ASN B 9 16.02 28.25 20.35
C ASN B 9 17.46 27.90 19.94
N LEU B 10 17.95 28.43 18.82
CA LEU B 10 19.38 28.40 18.59
C LEU B 10 19.93 29.74 18.21
N LYS B 11 20.20 30.54 19.23
CA LYS B 11 20.83 31.84 19.07
C LYS B 11 22.30 31.63 18.81
N ASP B 12 22.84 30.56 19.39
CA ASP B 12 24.25 30.30 19.29
C ASP B 12 24.74 30.49 17.86
N LEU B 13 23.86 30.19 16.89
CA LEU B 13 24.23 30.09 15.48
C LEU B 13 24.15 31.43 14.76
N ILE B 14 23.40 32.34 15.37
CA ILE B 14 23.11 33.64 14.75
C ILE B 14 24.17 34.66 15.14
N LEU B 15 24.24 35.71 14.37
CA LEU B 15 25.26 36.70 14.56
C LEU B 15 24.56 38.03 14.91
N GLU B 16 23.85 38.63 13.96
CA GLU B 16 22.95 39.76 14.25
C GLU B 16 21.58 39.61 13.61
N VAL B 17 20.54 39.74 14.43
CA VAL B 17 19.17 39.53 13.99
C VAL B 17 18.45 40.87 13.81
N ARG B 18 18.72 41.53 12.70
CA ARG B 18 18.04 42.79 12.37
C ARG B 18 16.71 42.54 11.65
N ALA B 19 15.86 41.71 12.27
CA ALA B 19 14.52 41.45 11.75
C ALA B 19 13.48 41.50 12.87
N PRO B 20 12.58 42.49 12.84
CA PRO B 20 11.55 42.74 13.85
C PRO B 20 11.13 41.51 14.68
N TYR B 21 11.44 41.54 15.98
CA TYR B 21 11.29 40.39 16.90
C TYR B 21 9.91 39.72 16.94
N ASP B 22 9.02 40.18 16.05
CA ASP B 22 7.65 39.72 16.05
C ASP B 22 7.43 38.65 15.00
N LEU B 23 8.02 38.86 13.82
CA LEU B 23 7.58 38.22 12.58
C LEU B 23 7.12 36.80 12.76
N GLU B 24 5.94 36.50 12.25
CA GLU B 24 5.46 35.13 12.14
C GLU B 24 6.09 34.45 10.91
N ILE B 25 6.60 33.23 11.10
CA ILE B 25 7.14 32.45 9.99
C ILE B 25 6.18 31.32 9.62
N THR B 26 5.71 31.35 8.37
CA THR B 26 4.68 30.45 7.85
C THR B 26 5.31 29.32 7.03
N GLY B 27 6.58 29.50 6.65
CA GLY B 27 7.27 28.50 5.84
C GLY B 27 8.79 28.60 5.89
N VAL B 28 9.44 27.67 5.20
CA VAL B 28 10.88 27.73 4.99
C VAL B 28 11.19 27.43 3.55
N SER B 29 11.91 28.32 2.88
CA SER B 29 12.19 28.09 1.48
C SER B 29 13.67 28.22 1.09
N ASN B 30 13.99 27.81 -0.12
CA ASN B 30 15.36 27.56 -0.44
C ASN B 30 15.52 27.83 -1.91
N HIS B 31 14.48 27.54 -2.67
CA HIS B 31 14.48 27.84 -4.09
C HIS B 31 13.57 29.01 -4.38
N SER B 32 14.10 29.98 -5.10
CA SER B 32 13.39 31.21 -5.42
C SER B 32 12.07 30.97 -6.19
N SER B 33 11.79 29.71 -6.49
CA SER B 33 10.52 29.31 -7.08
C SER B 33 9.58 28.79 -5.99
N LYS B 34 10.03 27.77 -5.27
CA LYS B 34 9.20 27.07 -4.27
C LYS B 34 8.84 27.94 -3.05
N VAL B 35 8.84 29.26 -3.24
CA VAL B 35 8.82 30.22 -2.14
C VAL B 35 7.40 30.61 -1.72
N LYS B 36 6.83 29.87 -0.77
CA LYS B 36 5.44 30.04 -0.39
C LYS B 36 5.20 31.36 0.41
N LYS B 37 3.96 31.58 0.87
CA LYS B 37 3.57 32.84 1.52
C LYS B 37 3.88 32.88 3.02
N GLY B 38 4.70 33.85 3.42
CA GLY B 38 5.23 33.93 4.79
C GLY B 38 6.51 33.11 5.04
N ASP B 39 7.06 32.55 3.97
CA ASP B 39 8.24 31.68 4.05
C ASP B 39 9.53 32.43 4.39
N LEU B 40 10.35 31.82 5.25
CA LEU B 40 11.68 32.36 5.54
C LEU B 40 12.68 31.84 4.50
N PHE B 41 13.21 32.73 3.67
CA PHE B 41 14.09 32.32 2.60
C PHE B 41 15.55 32.30 3.02
N ILE B 42 16.24 31.18 2.78
CA ILE B 42 17.66 31.07 3.11
C ILE B 42 18.51 31.14 1.85
N CYS B 43 19.54 31.98 1.89
CA CYS B 43 20.48 32.12 0.77
C CYS B 43 21.51 30.99 0.79
N ARG B 44 22.33 30.91 -0.26
CA ARG B 44 23.38 29.88 -0.37
C ARG B 44 24.53 30.09 0.64
N ARG B 45 25.77 29.78 0.24
CA ARG B 45 26.93 29.84 1.15
C ARG B 45 28.18 30.55 0.59
N GLY B 46 28.16 31.88 0.60
CA GLY B 46 29.25 32.68 0.05
C GLY B 46 28.75 33.90 -0.70
N GLU B 47 27.55 33.78 -1.26
CA GLU B 47 26.94 34.84 -2.05
C GLU B 47 26.25 35.87 -1.14
N ASP B 50 24.60 40.77 -8.21
CA ASP B 50 24.01 39.45 -8.12
C ASP B 50 23.31 39.26 -6.79
N SER B 51 24.08 38.89 -5.76
CA SER B 51 23.61 38.84 -4.36
C SER B 51 22.26 39.53 -4.18
N HIS B 52 22.28 40.86 -4.29
CA HIS B 52 21.17 41.70 -3.85
C HIS B 52 20.01 41.74 -4.85
N GLU B 53 19.93 40.66 -5.69
CA GLU B 53 18.81 40.51 -6.65
C GLU B 53 17.94 39.29 -6.39
N ILE B 54 18.48 38.29 -5.68
CA ILE B 54 17.67 37.20 -5.15
C ILE B 54 16.71 37.71 -4.08
N ILE B 55 17.18 38.67 -3.28
CA ILE B 55 16.36 39.25 -2.20
C ILE B 55 15.08 39.95 -2.67
N PRO B 56 15.21 41.04 -3.46
CA PRO B 56 14.02 41.69 -3.99
C PRO B 56 12.96 40.68 -4.44
N GLU B 57 13.39 39.71 -5.24
CA GLU B 57 12.49 38.83 -5.96
C GLU B 57 11.65 37.98 -5.02
N VAL B 58 12.33 37.31 -4.08
CA VAL B 58 11.67 36.46 -3.09
C VAL B 58 10.80 37.26 -2.13
N MSE B 59 11.20 38.51 -1.87
CA MSE B 59 10.49 39.38 -0.94
C MSE B 59 9.18 39.72 -1.57
O MSE B 59 8.15 39.82 -0.88
CB MSE B 59 11.29 40.63 -0.56
CG MSE B 59 12.54 40.32 0.27
SE MSE B 59 12.23 39.98 2.20
CE MSE B 59 10.47 40.84 2.45
N GLU B 60 9.19 39.88 -2.90
CA GLU B 60 7.95 40.05 -3.65
C GLU B 60 7.10 38.79 -3.69
N LYS B 61 7.68 37.70 -4.17
CA LYS B 61 6.95 36.43 -4.28
C LYS B 61 6.34 35.93 -2.96
N GLY B 62 6.44 36.72 -1.90
CA GLY B 62 5.65 36.51 -0.67
C GLY B 62 6.41 36.39 0.63
N ALA B 63 7.75 36.37 0.57
CA ALA B 63 8.60 36.04 1.73
C ALA B 63 8.60 37.11 2.80
N VAL B 64 8.84 36.68 4.04
CA VAL B 64 8.78 37.56 5.20
C VAL B 64 10.17 38.09 5.58
N ALA B 65 11.08 37.17 5.93
CA ALA B 65 12.47 37.51 6.24
C ALA B 65 13.48 36.68 5.44
N VAL B 66 14.76 37.00 5.56
CA VAL B 66 15.80 36.27 4.82
C VAL B 66 17.02 35.99 5.68
N VAL B 67 17.51 34.74 5.64
CA VAL B 67 18.79 34.41 6.24
C VAL B 67 19.93 34.65 5.26
N VAL B 68 20.99 35.32 5.72
CA VAL B 68 22.23 35.43 4.95
C VAL B 68 23.49 35.42 5.81
N GLU B 69 24.62 35.13 5.20
CA GLU B 69 25.88 35.03 5.92
C GLU B 69 26.56 36.40 5.92
N ARG B 70 25.80 37.41 5.53
CA ARG B 70 26.39 38.65 5.05
C ARG B 70 25.33 39.75 5.16
N GLU B 71 25.77 40.95 5.59
CA GLU B 71 24.82 42.04 5.88
C GLU B 71 24.13 42.56 4.62
N ILE B 72 22.80 42.69 4.71
CA ILE B 72 21.94 42.83 3.54
C ILE B 72 22.11 44.18 2.84
N ASP B 73 22.18 45.24 3.64
CA ASP B 73 22.05 46.64 3.17
C ASP B 73 20.95 46.86 2.12
N LEU B 74 19.70 46.59 2.53
CA LEU B 74 18.52 46.74 1.69
C LEU B 74 17.32 46.47 2.61
N ASP B 75 16.51 47.51 2.85
CA ASP B 75 15.50 47.52 3.92
C ASP B 75 14.48 46.38 3.87
N PHE B 76 14.92 45.17 4.20
CA PHE B 76 14.04 44.02 4.39
C PHE B 76 14.46 43.26 5.66
N PRO B 77 13.49 42.71 6.39
CA PRO B 77 13.85 42.07 7.66
C PRO B 77 14.75 40.89 7.36
N TYR B 78 15.83 40.74 8.11
CA TYR B 78 16.76 39.65 7.86
C TYR B 78 17.44 39.10 9.11
N ILE B 79 17.77 37.81 9.08
CA ILE B 79 18.68 37.24 10.06
C ILE B 79 20.05 37.03 9.43
N GLN B 80 21.08 37.23 10.23
CA GLN B 80 22.45 37.00 9.77
C GLN B 80 23.14 35.96 10.63
N VAL B 81 23.68 34.94 9.96
CA VAL B 81 24.19 33.74 10.61
C VAL B 81 25.62 33.52 10.16
N PHE B 82 26.35 32.67 10.88
CA PHE B 82 27.72 32.30 10.51
C PHE B 82 27.72 31.38 9.31
N ASP B 83 26.98 30.27 9.45
CA ASP B 83 26.85 29.26 8.39
C ASP B 83 25.42 29.14 7.90
N SER B 84 25.21 29.41 6.62
CA SER B 84 23.86 29.54 6.09
C SER B 84 23.16 28.19 6.12
N ARG B 85 23.77 27.23 5.44
CA ARG B 85 23.13 25.97 5.10
C ARG B 85 23.08 25.09 6.32
N TYR B 86 24.13 25.17 7.15
CA TYR B 86 24.05 24.51 8.44
C TYR B 86 22.82 24.98 9.17
N PHE B 87 22.73 26.30 9.32
CA PHE B 87 21.56 26.94 9.91
C PHE B 87 20.28 26.27 9.43
N GLU B 88 20.06 26.34 8.12
CA GLU B 88 18.90 25.76 7.46
C GLU B 88 18.50 24.40 8.04
N ALA B 89 19.50 23.56 8.31
CA ALA B 89 19.23 22.23 8.80
C ALA B 89 18.49 22.34 10.11
N LYS B 90 18.99 23.24 10.97
CA LYS B 90 18.55 23.33 12.35
C LYS B 90 17.27 24.15 12.46
N VAL B 91 17.23 25.25 11.72
CA VAL B 91 16.03 26.03 11.47
C VAL B 91 14.82 25.15 11.15
N ALA B 92 15.00 24.32 10.12
CA ALA B 92 13.95 23.44 9.66
C ALA B 92 13.43 22.52 10.77
N SER B 93 14.33 21.82 11.48
CA SER B 93 13.89 20.81 12.46
C SER B 93 13.02 21.43 13.52
N LEU B 94 13.21 22.74 13.73
CA LEU B 94 12.31 23.54 14.57
C LEU B 94 10.94 23.85 13.93
N PHE B 95 10.95 24.31 12.68
CA PHE B 95 9.75 24.76 11.99
C PHE B 95 8.71 23.67 11.90
N PHE B 96 9.18 22.42 11.84
CA PHE B 96 8.31 21.27 11.84
C PHE B 96 8.16 20.77 13.26
N GLU B 97 9.20 21.02 14.05
CA GLU B 97 9.22 20.66 15.45
C GLU B 97 9.65 19.22 15.65
N ASP B 98 10.90 18.95 15.31
CA ASP B 98 11.57 17.68 15.61
C ASP B 98 10.62 16.51 15.59
N PRO B 99 10.30 16.01 14.37
CA PRO B 99 9.54 14.77 14.20
C PRO B 99 10.16 13.54 14.85
N TRP B 100 11.45 13.33 14.55
CA TRP B 100 12.13 12.10 14.88
C TRP B 100 12.19 11.66 16.34
N LYS B 101 11.78 12.52 17.27
CA LYS B 101 11.83 12.17 18.69
C LYS B 101 10.81 11.09 19.10
N ASP B 102 9.56 11.28 18.70
CA ASP B 102 8.50 10.29 18.94
C ASP B 102 8.71 9.01 18.13
N VAL B 103 9.46 9.11 17.03
CA VAL B 103 9.50 8.04 16.02
C VAL B 103 10.87 7.37 15.89
N LEU B 104 10.85 6.13 15.40
CA LEU B 104 12.07 5.38 15.12
C LEU B 104 12.72 5.87 13.85
N THR B 105 13.92 6.41 13.98
CA THR B 105 14.60 6.94 12.81
C THR B 105 15.81 6.09 12.48
N PHE B 106 15.72 5.41 11.34
CA PHE B 106 16.89 4.78 10.75
C PHE B 106 17.53 5.68 9.71
N GLY B 107 18.84 5.83 9.82
CA GLY B 107 19.60 6.43 8.75
C GLY B 107 20.64 5.46 8.25
N VAL B 108 20.62 5.21 6.94
CA VAL B 108 21.55 4.26 6.32
C VAL B 108 22.57 4.92 5.39
N THR B 109 23.85 4.64 5.62
CA THR B 109 24.89 5.14 4.73
C THR B 109 25.86 4.03 4.39
N GLY B 110 26.81 4.34 3.51
CA GLY B 110 27.77 3.35 3.02
C GLY B 110 27.93 3.53 1.54
N THR B 111 29.02 3.00 0.98
CA THR B 111 29.28 3.17 -0.45
C THR B 111 28.17 2.52 -1.29
N ASN B 112 28.08 1.19 -1.24
CA ASN B 112 26.96 0.46 -1.84
C ASN B 112 26.06 -0.05 -0.77
N GLY B 113 24.83 -0.39 -1.15
CA GLY B 113 23.96 -1.13 -0.25
C GLY B 113 22.88 -0.28 0.37
N LYS B 114 23.04 1.03 0.29
CA LYS B 114 22.13 1.96 0.97
C LYS B 114 20.65 1.67 0.70
N THR B 115 20.26 1.63 -0.57
CA THR B 115 18.84 1.57 -0.95
C THR B 115 18.23 0.19 -0.71
N THR B 116 19.01 -0.87 -0.88
CA THR B 116 18.55 -2.21 -0.52
C THR B 116 18.35 -2.35 1.01
N THR B 117 19.42 -2.23 1.78
CA THR B 117 19.32 -2.39 3.21
C THR B 117 18.11 -1.62 3.73
N THR B 118 17.99 -0.37 3.32
CA THR B 118 16.89 0.46 3.78
C THR B 118 15.55 -0.12 3.36
N MSE B 119 15.50 -0.62 2.13
CA MSE B 119 14.23 -1.11 1.60
C MSE B 119 13.84 -2.37 2.31
O MSE B 119 12.67 -2.65 2.48
CB MSE B 119 14.33 -1.33 0.10
CG MSE B 119 14.23 0.03 -0.59
SE MSE B 119 12.49 0.88 -0.20
CE MSE B 119 12.93 1.52 1.62
N MSE B 120 14.83 -3.14 2.72
CA MSE B 120 14.60 -4.27 3.58
C MSE B 120 13.94 -3.80 4.84
O MSE B 120 12.75 -4.03 5.04
CB MSE B 120 15.94 -4.92 3.89
CG MSE B 120 16.23 -6.05 2.92
SE MSE B 120 18.14 -6.47 3.09
CE MSE B 120 18.23 -7.60 1.47
N ILE B 121 14.72 -3.13 5.71
CA ILE B 121 14.17 -2.55 6.95
C ILE B 121 12.72 -2.12 6.78
N TYR B 122 12.46 -1.22 5.83
CA TYR B 122 11.12 -0.71 5.63
C TYR B 122 10.11 -1.84 5.41
N HIS B 123 10.48 -2.81 4.58
CA HIS B 123 9.56 -3.90 4.24
C HIS B 123 9.45 -5.01 5.28
N MSE B 124 10.51 -5.24 6.05
CA MSE B 124 10.39 -6.10 7.24
C MSE B 124 9.29 -5.62 8.14
O MSE B 124 8.38 -6.39 8.48
CB MSE B 124 11.67 -6.15 8.04
CG MSE B 124 12.46 -7.37 7.63
SE MSE B 124 14.33 -6.79 7.66
CE MSE B 124 14.73 -7.41 9.49
N LEU B 125 9.35 -4.34 8.52
CA LEU B 125 8.32 -3.74 9.37
C LEU B 125 6.93 -3.87 8.77
N THR B 126 6.70 -3.26 7.61
CA THR B 126 5.32 -3.21 7.08
C THR B 126 4.69 -4.60 6.88
N SER B 127 5.52 -5.64 6.82
CA SER B 127 5.02 -7.01 6.89
C SER B 127 4.87 -7.48 8.36
N LEU B 128 5.66 -6.89 9.25
CA LEU B 128 5.62 -7.24 10.68
C LEU B 128 4.41 -6.62 11.37
N GLY B 129 3.36 -6.32 10.59
CA GLY B 129 2.19 -5.58 11.07
C GLY B 129 2.58 -4.22 11.65
N GLU B 130 2.48 -3.17 10.83
CA GLU B 130 3.23 -1.94 11.08
C GLU B 130 2.70 -0.75 10.27
N ARG B 131 3.24 0.43 10.53
CA ARG B 131 3.09 1.59 9.64
C ARG B 131 4.25 2.59 9.78
N GLY B 132 4.76 3.06 8.65
CA GLY B 132 5.91 3.96 8.64
C GLY B 132 6.10 4.69 7.34
N SER B 133 7.36 4.94 6.98
CA SER B 133 7.68 5.70 5.78
C SER B 133 9.16 5.61 5.40
N VAL B 134 9.45 5.70 4.11
CA VAL B 134 10.82 5.61 3.62
C VAL B 134 11.18 6.60 2.53
N LEU B 135 12.45 6.94 2.52
CA LEU B 135 12.94 7.93 1.61
C LEU B 135 14.31 7.51 1.06
N THR B 136 14.35 7.07 -0.20
CA THR B 136 15.61 6.70 -0.89
C THR B 136 15.68 7.15 -2.34
N THR B 137 16.87 7.05 -2.94
CA THR B 137 17.11 7.62 -4.26
C THR B 137 16.17 7.06 -5.27
N ALA B 138 15.61 5.88 -4.96
CA ALA B 138 14.66 5.21 -5.84
C ALA B 138 13.21 5.30 -5.41
N VAL B 139 12.98 5.34 -4.11
CA VAL B 139 11.61 5.20 -3.60
C VAL B 139 11.30 6.23 -2.51
N LYS B 140 10.21 6.97 -2.70
CA LYS B 140 9.81 7.90 -1.68
C LYS B 140 8.40 7.57 -1.23
N ARG B 141 8.25 6.59 -0.36
CA ARG B 141 6.91 6.28 0.15
C ARG B 141 6.67 7.03 1.43
N ILE B 142 5.61 7.83 1.45
CA ILE B 142 5.34 8.75 2.57
C ILE B 142 4.52 8.12 3.70
N LEU B 143 3.27 7.74 3.43
CA LEU B 143 2.56 6.86 4.35
C LEU B 143 2.03 5.64 3.60
N GLY B 144 1.04 5.87 2.75
CA GLY B 144 0.59 4.88 1.80
C GLY B 144 0.80 5.38 0.40
N ASN B 145 1.28 6.62 0.29
CA ASN B 145 1.67 7.20 -0.98
C ASN B 145 3.13 6.97 -1.31
N SER B 146 3.36 6.33 -2.44
CA SER B 146 4.65 6.43 -3.08
C SER B 146 4.72 7.72 -3.88
N TYR B 147 5.47 8.69 -3.34
CA TYR B 147 5.83 9.89 -4.08
C TYR B 147 7.17 9.65 -4.77
N TYR B 148 7.18 8.75 -5.73
CA TYR B 148 8.24 8.78 -6.74
C TYR B 148 8.08 10.08 -7.52
N ASP B 149 9.18 10.56 -8.06
CA ASP B 149 9.30 11.95 -8.47
C ASP B 149 10.77 12.31 -8.33
N ASP B 150 11.07 13.59 -8.46
CA ASP B 150 12.44 14.06 -8.26
C ASP B 150 12.81 13.92 -6.79
N ILE B 151 13.60 12.89 -6.48
CA ILE B 151 13.96 12.56 -5.11
C ILE B 151 15.42 12.07 -4.98
N THR B 152 16.33 12.72 -5.71
CA THR B 152 17.78 12.61 -5.44
C THR B 152 18.36 14.01 -5.16
N THR B 153 17.48 15.01 -5.14
CA THR B 153 17.81 16.38 -4.73
C THR B 153 17.02 16.82 -3.47
N PRO B 154 16.97 15.97 -2.42
CA PRO B 154 16.42 16.53 -1.21
C PRO B 154 17.44 17.48 -0.61
N ASP B 155 16.99 18.69 -0.30
CA ASP B 155 17.67 19.52 0.66
C ASP B 155 17.18 19.12 2.05
N ALA B 156 17.58 19.85 3.06
CA ALA B 156 17.12 19.62 4.43
C ALA B 156 15.60 19.77 4.57
N ILE B 157 15.03 20.78 3.95
CA ILE B 157 13.61 21.10 4.14
C ILE B 157 12.64 20.07 3.56
N THR B 158 13.05 19.36 2.51
CA THR B 158 12.20 18.29 1.95
C THR B 158 12.21 17.10 2.88
N ILE B 159 13.41 16.70 3.30
CA ILE B 159 13.56 15.51 4.13
C ILE B 159 12.67 15.63 5.35
N LEU B 160 12.81 16.74 6.06
CA LEU B 160 12.11 16.98 7.32
C LEU B 160 10.66 17.37 7.07
N SER B 161 10.37 17.77 5.82
CA SER B 161 9.02 18.04 5.41
C SER B 161 8.28 16.73 5.34
N ALA B 162 8.93 15.74 4.71
CA ALA B 162 8.40 14.39 4.62
C ALA B 162 8.23 13.76 5.99
N MSE B 163 9.27 13.87 6.81
CA MSE B 163 9.24 13.36 8.18
C MSE B 163 8.09 13.86 9.00
O MSE B 163 7.56 13.14 9.85
CB MSE B 163 10.49 13.83 8.87
CG MSE B 163 11.71 13.22 8.21
SE MSE B 163 13.12 13.18 9.57
CE MSE B 163 12.11 12.15 10.92
N LYS B 164 7.70 15.12 8.77
CA LYS B 164 6.49 15.65 9.38
C LYS B 164 5.25 14.86 8.97
N GLU B 165 5.07 14.63 7.67
CA GLU B 165 3.92 13.83 7.18
C GLU B 165 3.83 12.50 7.90
N ASN B 166 4.90 11.72 7.83
CA ASN B 166 5.02 10.50 8.61
C ASN B 166 4.35 10.60 9.98
N ARG B 167 4.86 11.51 10.81
CA ARG B 167 4.40 11.66 12.19
C ARG B 167 2.92 12.04 12.27
N GLU B 168 2.55 13.15 11.65
CA GLU B 168 1.12 13.50 11.47
C GLU B 168 0.28 12.27 11.13
N GLY B 169 0.82 11.39 10.31
CA GLY B 169 0.09 10.22 9.83
C GLY B 169 -0.04 9.10 10.84
N GLY B 170 1.05 8.75 11.51
CA GLY B 170 0.97 7.81 12.61
C GLY B 170 1.89 6.62 12.46
N GLY B 171 3.08 6.87 11.92
CA GLY B 171 4.04 5.80 11.77
C GLY B 171 5.21 6.04 12.67
N LYS B 172 5.40 5.19 13.67
CA LYS B 172 6.52 5.37 14.58
C LYS B 172 7.84 4.83 14.01
N PHE B 173 8.04 4.99 12.71
CA PHE B 173 9.38 4.88 12.13
C PHE B 173 9.47 5.53 10.76
N PHE B 174 10.71 5.88 10.38
CA PHE B 174 11.01 6.55 9.12
C PHE B 174 12.42 6.11 8.68
N ALA B 175 12.46 5.43 7.53
CA ALA B 175 13.67 4.85 6.99
C ALA B 175 14.31 5.81 5.99
N LEU B 176 15.61 6.06 6.15
CA LEU B 176 16.26 7.11 5.38
C LEU B 176 17.63 6.72 4.88
N GLU B 177 17.78 6.64 3.57
CA GLU B 177 19.10 6.46 2.98
C GLU B 177 19.88 7.75 3.13
N VAL B 178 21.11 7.66 3.61
CA VAL B 178 21.92 8.86 3.88
C VAL B 178 23.12 8.95 2.95
N SER B 179 22.95 9.65 1.82
CA SER B 179 23.97 9.70 0.76
C SER B 179 25.25 10.32 1.25
N SER B 180 26.38 9.82 0.77
CA SER B 180 27.64 10.48 1.06
C SER B 180 27.47 11.96 0.72
N HIS B 181 26.70 12.22 -0.34
CA HIS B 181 26.41 13.58 -0.77
C HIS B 181 25.63 14.34 0.30
N ALA B 182 24.51 13.76 0.73
CA ALA B 182 23.58 14.43 1.65
C ALA B 182 24.28 14.99 2.86
N LEU B 183 25.29 14.26 3.36
CA LEU B 183 26.00 14.60 4.59
C LEU B 183 26.86 15.85 4.48
N VAL B 184 27.56 16.02 3.37
CA VAL B 184 28.45 17.17 3.23
C VAL B 184 27.67 18.44 2.95
N GLN B 185 26.61 18.33 2.15
CA GLN B 185 25.67 19.43 1.97
C GLN B 185 24.79 19.58 3.19
N GLN B 186 25.07 18.81 4.24
CA GLN B 186 24.46 19.01 5.57
C GLN B 186 22.95 18.94 5.55
N ARG B 187 22.42 18.02 4.75
CA ARG B 187 20.97 17.91 4.58
C ARG B 187 20.40 17.27 5.82
N VAL B 188 21.10 16.27 6.29
CA VAL B 188 20.62 15.52 7.42
C VAL B 188 21.49 15.84 8.61
N GLU B 189 21.19 16.97 9.26
CA GLU B 189 22.11 17.55 10.24
C GLU B 189 21.34 18.12 11.41
N GLY B 190 20.06 18.36 11.19
CA GLY B 190 19.13 18.67 12.24
C GLY B 190 18.22 17.48 12.45
N VAL B 191 18.79 16.30 12.34
CA VAL B 191 18.05 15.09 12.56
C VAL B 191 18.79 14.31 13.63
N ARG B 192 18.03 13.64 14.48
CA ARG B 192 18.64 12.65 15.36
C ARG B 192 18.21 11.21 15.01
N PHE B 193 19.17 10.31 15.13
CA PHE B 193 18.98 8.95 14.67
C PHE B 193 18.90 7.94 15.80
N ASP B 194 17.77 7.24 15.84
CA ASP B 194 17.66 6.07 16.69
C ASP B 194 18.71 5.05 16.28
N VAL B 195 18.64 4.62 15.02
CA VAL B 195 19.51 3.55 14.51
C VAL B 195 20.39 4.07 13.36
N GLY B 196 21.66 3.70 13.38
CA GLY B 196 22.58 4.14 12.34
C GLY B 196 23.35 3.01 11.68
N ILE B 197 22.85 2.53 10.54
CA ILE B 197 23.51 1.44 9.80
C ILE B 197 24.62 1.87 8.85
N PHE B 198 25.80 1.29 9.02
CA PHE B 198 26.89 1.54 8.09
C PHE B 198 27.41 0.24 7.48
N THR B 199 27.26 0.14 6.18
CA THR B 199 27.24 -1.13 5.50
C THR B 199 28.61 -1.46 4.89
N ASN B 200 29.00 -0.72 3.88
CA ASN B 200 30.33 -0.90 3.32
C ASN B 200 31.03 0.43 3.06
N ILE B 201 32.24 0.34 2.55
CA ILE B 201 33.03 1.50 2.23
C ILE B 201 34.11 1.08 1.19
N SER B 202 34.22 1.83 0.10
CA SER B 202 35.04 1.41 -1.03
C SER B 202 36.35 2.19 -1.09
N ARG B 203 37.48 1.50 -0.90
CA ARG B 203 38.79 2.14 -1.03
C ARG B 203 39.19 2.35 -2.49
N ASP B 204 38.19 2.61 -3.34
CA ASP B 204 38.36 2.63 -4.80
C ASP B 204 38.62 4.05 -5.31
N HIS B 205 38.01 4.38 -6.43
CA HIS B 205 37.49 5.73 -6.69
C HIS B 205 36.02 5.60 -7.04
N LEU B 206 35.38 4.55 -6.51
CA LEU B 206 33.94 4.44 -6.52
C LEU B 206 33.42 5.51 -5.58
N ASP B 207 32.45 6.30 -6.06
CA ASP B 207 31.78 7.36 -5.26
C ASP B 207 32.67 8.54 -4.81
N PHE B 208 33.88 8.68 -5.39
CA PHE B 208 34.99 9.40 -4.71
C PHE B 208 35.11 10.94 -4.80
N HIS B 209 35.55 11.51 -3.68
CA HIS B 209 35.91 12.92 -3.59
C HIS B 209 37.37 13.03 -3.19
N GLY B 210 37.60 13.06 -1.87
CA GLY B 210 38.92 13.36 -1.36
C GLY B 210 39.84 12.18 -1.42
N THR B 211 40.72 12.07 -0.45
CA THR B 211 41.34 10.81 -0.17
C THR B 211 40.34 9.95 0.57
N PHE B 212 40.52 8.64 0.51
CA PHE B 212 39.74 7.71 1.29
C PHE B 212 39.37 8.27 2.66
N GLU B 213 40.39 8.68 3.42
CA GLU B 213 40.22 9.00 4.83
C GLU B 213 39.16 10.09 5.03
N ASN B 214 39.20 11.08 4.15
CA ASN B 214 38.23 12.17 4.18
C ASN B 214 36.84 11.71 3.78
N TYR B 215 36.79 10.99 2.66
CA TYR B 215 35.61 10.26 2.26
C TYR B 215 35.00 9.55 3.46
N LEU B 216 35.82 8.81 4.18
CA LEU B 216 35.32 7.95 5.25
C LEU B 216 34.83 8.76 6.43
N LYS B 217 35.66 9.74 6.85
CA LYS B 217 35.36 10.56 8.03
C LYS B 217 34.01 11.20 7.88
N ALA B 218 33.75 11.62 6.65
CA ALA B 218 32.49 12.19 6.28
C ALA B 218 31.34 11.18 6.37
N LYS B 219 31.61 9.91 6.11
CA LYS B 219 30.54 8.94 6.18
C LYS B 219 30.24 8.60 7.62
N LEU B 220 31.29 8.63 8.44
CA LEU B 220 31.19 8.36 9.87
C LEU B 220 30.32 9.36 10.59
N HIS B 221 30.38 10.60 10.13
CA HIS B 221 29.71 11.68 10.82
C HIS B 221 28.29 11.31 11.24
N LEU B 222 27.57 10.59 10.37
CA LEU B 222 26.19 10.18 10.67
C LEU B 222 25.95 9.85 12.15
N PHE B 223 26.94 9.26 12.82
CA PHE B 223 26.72 8.73 14.15
C PHE B 223 26.72 9.81 15.23
N ASP B 224 27.57 10.82 15.02
CA ASP B 224 27.44 12.11 15.71
C ASP B 224 26.04 12.72 15.61
N LEU B 225 25.16 12.06 14.88
CA LEU B 225 23.79 12.54 14.69
C LEU B 225 22.81 11.54 15.24
N LEU B 226 23.35 10.59 15.98
CA LEU B 226 22.57 9.53 16.60
C LEU B 226 22.06 10.05 17.94
N LYS B 227 20.92 9.57 18.38
CA LYS B 227 20.47 9.91 19.74
C LYS B 227 21.43 9.35 20.79
N ASP B 228 21.19 9.65 22.05
CA ASP B 228 22.08 9.20 23.11
C ASP B 228 21.73 7.77 23.50
N ASP B 229 20.47 7.40 23.32
CA ASP B 229 19.98 6.05 23.63
C ASP B 229 20.03 5.13 22.42
N GLY B 230 20.12 5.73 21.22
CA GLY B 230 20.19 4.99 19.97
C GLY B 230 21.44 4.14 19.82
N VAL B 231 21.45 3.30 18.78
CA VAL B 231 22.52 2.30 18.55
C VAL B 231 23.16 2.50 17.18
N ALA B 232 24.44 2.13 17.03
CA ALA B 232 25.14 2.08 15.72
C ALA B 232 25.51 0.67 15.21
N VAL B 233 24.73 0.17 14.24
CA VAL B 233 24.93 -1.15 13.60
C VAL B 233 26.06 -1.16 12.55
N LEU B 234 27.26 -1.54 12.96
CA LEU B 234 28.43 -1.35 12.11
C LEU B 234 28.82 -2.60 11.38
N ASN B 235 29.69 -2.45 10.39
CA ASN B 235 30.15 -3.59 9.63
C ASN B 235 31.53 -4.00 10.11
N GLU B 236 31.70 -5.29 10.37
CA GLU B 236 32.92 -5.85 10.98
C GLU B 236 34.22 -5.18 10.52
N SER B 237 34.29 -4.86 9.22
CA SER B 237 35.52 -4.34 8.63
C SER B 237 35.82 -2.92 9.08
N LEU B 238 34.84 -2.29 9.72
CA LEU B 238 34.98 -0.91 10.15
C LEU B 238 35.07 -0.83 11.67
N ALA B 239 35.76 -1.81 12.24
CA ALA B 239 35.93 -1.92 13.67
C ALA B 239 36.59 -0.67 14.23
N ASP B 240 37.81 -0.39 13.76
CA ASP B 240 38.72 0.51 14.46
C ASP B 240 38.43 1.98 14.14
N ALA B 241 37.65 2.21 13.09
CA ALA B 241 37.35 3.56 12.63
C ALA B 241 36.41 4.31 13.58
N PHE B 242 35.31 3.68 13.96
CA PHE B 242 34.28 4.26 14.82
C PHE B 242 34.85 5.02 16.04
N ASN B 243 35.50 6.15 15.78
CA ASN B 243 36.15 6.93 16.82
C ASN B 243 35.19 7.50 17.84
N ARG B 244 33.90 7.32 17.56
CA ARG B 244 32.85 7.81 18.43
C ARG B 244 32.63 6.80 19.56
N LYS B 245 31.59 6.99 20.35
CA LYS B 245 31.44 6.21 21.56
C LYS B 245 29.98 5.98 21.86
N SER B 246 29.47 4.85 21.38
CA SER B 246 28.08 4.48 21.59
C SER B 246 28.00 3.02 21.21
N ARG B 247 26.96 2.31 21.67
CA ARG B 247 26.95 0.87 21.45
C ARG B 247 27.02 0.55 19.96
N LYS B 248 28.13 -0.09 19.58
CA LYS B 248 28.40 -0.49 18.22
C LYS B 248 28.08 -1.96 18.09
N ILE B 249 27.24 -2.31 17.13
CA ILE B 249 26.90 -3.69 16.89
C ILE B 249 27.43 -4.12 15.52
N THR B 250 28.28 -5.15 15.53
CA THR B 250 29.01 -5.61 14.36
C THR B 250 28.33 -6.75 13.58
N PHE B 251 28.48 -6.75 12.26
CA PHE B 251 28.14 -7.90 11.40
C PHE B 251 29.19 -8.11 10.32
N GLY B 252 29.39 -9.36 9.93
CA GLY B 252 30.51 -9.73 9.05
C GLY B 252 30.75 -11.23 8.93
N THR B 253 31.89 -11.61 8.36
CA THR B 253 32.18 -13.00 8.10
C THR B 253 33.04 -13.64 9.18
N SER B 254 33.91 -12.83 9.79
CA SER B 254 34.74 -13.31 10.89
C SER B 254 33.92 -13.71 12.13
N LYS B 255 34.50 -14.56 12.97
CA LYS B 255 33.76 -15.25 14.03
C LYS B 255 33.60 -14.46 15.33
N ASN B 256 33.89 -13.17 15.26
CA ASN B 256 33.88 -12.30 16.44
C ASN B 256 32.86 -11.17 16.34
N ALA B 257 32.20 -11.07 15.19
CA ALA B 257 31.23 -10.01 14.94
C ALA B 257 29.90 -10.38 15.58
N ASP B 258 29.29 -9.43 16.29
CA ASP B 258 28.05 -9.68 17.04
C ASP B 258 27.04 -10.49 16.23
N TYR B 259 26.68 -9.97 15.05
CA TYR B 259 25.78 -10.69 14.14
C TYR B 259 26.59 -11.28 12.96
N ARG B 260 26.73 -12.61 12.92
CA ARG B 260 27.62 -13.25 11.95
C ARG B 260 26.90 -14.05 10.87
N LEU B 261 27.22 -13.75 9.62
CA LEU B 261 26.80 -14.57 8.49
C LEU B 261 28.00 -15.35 7.97
N GLY B 262 27.73 -16.47 7.30
CA GLY B 262 28.80 -17.32 6.82
C GLY B 262 28.47 -18.18 5.62
N ASN B 263 27.29 -18.79 5.66
CA ASN B 263 27.01 -19.79 4.66
C ASN B 263 26.05 -19.23 3.65
N ILE B 264 26.46 -19.22 2.39
CA ILE B 264 25.88 -18.27 1.45
C ILE B 264 25.69 -18.83 0.06
N GLU B 265 24.48 -19.35 -0.20
CA GLU B 265 24.13 -19.94 -1.49
C GLU B 265 23.23 -18.99 -2.26
N VAL B 266 23.47 -18.88 -3.56
CA VAL B 266 22.88 -17.85 -4.37
C VAL B 266 22.32 -18.47 -5.67
N SER B 267 21.22 -17.94 -6.17
CA SER B 267 20.46 -18.64 -7.19
C SER B 267 19.36 -17.76 -7.77
N TRP B 268 18.97 -18.03 -9.02
CA TRP B 268 17.85 -17.33 -9.65
C TRP B 268 16.57 -17.48 -8.83
N GLU B 269 16.75 -17.93 -7.60
CA GLU B 269 15.67 -18.40 -6.77
C GLU B 269 15.59 -17.50 -5.55
N GLY B 270 16.75 -17.22 -4.98
CA GLY B 270 16.87 -16.26 -3.89
C GLY B 270 18.30 -16.22 -3.44
N THR B 271 18.53 -15.62 -2.27
CA THR B 271 19.81 -15.70 -1.63
C THR B 271 19.58 -16.27 -0.24
N GLN B 272 19.99 -17.51 -0.02
CA GLN B 272 19.91 -18.09 1.30
C GLN B 272 21.26 -18.04 2.01
N PHE B 273 21.23 -17.94 3.35
CA PHE B 273 22.46 -17.92 4.16
C PHE B 273 22.25 -18.18 5.66
N VAL B 274 23.36 -18.21 6.41
CA VAL B 274 23.32 -18.57 7.84
C VAL B 274 23.80 -17.44 8.75
N LEU B 275 22.88 -16.91 9.57
CA LEU B 275 23.19 -15.87 10.55
C LEU B 275 23.15 -16.39 12.01
N GLU B 276 24.28 -16.29 12.71
CA GLU B 276 24.30 -16.51 14.15
C GLU B 276 24.17 -15.20 14.93
N THR B 277 22.94 -14.89 15.34
CA THR B 277 22.68 -13.81 16.29
C THR B 277 23.40 -14.11 17.62
N PRO B 278 23.62 -13.08 18.46
CA PRO B 278 24.49 -13.32 19.60
C PRO B 278 23.80 -14.11 20.71
N ASP B 279 22.48 -14.23 20.64
CA ASP B 279 21.75 -15.05 21.60
C ASP B 279 21.19 -16.36 21.01
N GLY B 280 20.92 -16.37 19.71
CA GLY B 280 20.43 -17.58 19.04
C GLY B 280 21.21 -17.91 17.78
N LEU B 281 20.52 -18.52 16.81
CA LEU B 281 21.07 -18.73 15.47
C LEU B 281 19.95 -18.97 14.47
N LEU B 282 20.16 -18.53 13.23
CA LEU B 282 19.10 -18.47 12.21
C LEU B 282 19.57 -18.84 10.79
N LYS B 283 18.64 -19.37 10.01
CA LYS B 283 18.82 -19.56 8.57
C LYS B 283 17.88 -18.65 7.77
N VAL B 284 18.47 -17.74 7.01
CA VAL B 284 17.71 -16.70 6.31
C VAL B 284 17.64 -17.01 4.83
N PHE B 285 16.44 -16.90 4.27
CA PHE B 285 16.25 -16.91 2.83
C PHE B 285 15.56 -15.62 2.38
N THR B 286 16.23 -14.88 1.49
CA THR B 286 15.62 -13.74 0.79
C THR B 286 15.55 -13.97 -0.71
N ARG B 287 14.40 -13.63 -1.27
CA ARG B 287 14.16 -13.75 -2.69
C ARG B 287 14.98 -12.79 -3.57
N ALA B 288 15.44 -11.68 -2.99
CA ALA B 288 16.39 -10.83 -3.68
C ALA B 288 17.64 -11.62 -4.11
N ILE B 289 17.95 -11.60 -5.40
CA ILE B 289 19.12 -12.28 -5.95
C ILE B 289 20.37 -11.42 -5.81
N GLY B 290 21.43 -12.00 -5.28
CA GLY B 290 22.73 -11.35 -5.27
C GLY B 290 23.49 -11.64 -3.99
N ASP B 291 24.73 -12.10 -4.13
CA ASP B 291 25.54 -12.52 -2.99
C ASP B 291 25.68 -11.43 -1.93
N PHE B 292 25.80 -10.20 -2.38
CA PHE B 292 25.93 -9.05 -1.51
C PHE B 292 24.70 -8.87 -0.61
N ASN B 293 23.50 -9.09 -1.16
CA ASN B 293 22.24 -8.93 -0.42
C ASN B 293 22.26 -9.63 0.90
N ALA B 294 23.19 -10.57 1.06
CA ALA B 294 23.31 -11.27 2.33
C ALA B 294 23.70 -10.25 3.39
N TYR B 295 24.78 -9.53 3.15
CA TYR B 295 25.24 -8.49 4.06
C TYR B 295 24.13 -7.51 4.39
N ASN B 296 23.48 -6.99 3.35
CA ASN B 296 22.38 -6.03 3.54
C ASN B 296 21.32 -6.56 4.47
N ALA B 297 20.95 -7.82 4.29
CA ALA B 297 19.98 -8.50 5.17
C ALA B 297 20.50 -8.71 6.58
N ALA B 298 21.77 -9.07 6.72
CA ALA B 298 22.38 -9.19 8.02
C ALA B 298 22.11 -7.93 8.81
N ALA B 299 22.35 -6.77 8.18
CA ALA B 299 22.23 -5.49 8.84
C ALA B 299 20.80 -5.19 9.26
N ALA B 300 19.88 -5.27 8.32
CA ALA B 300 18.49 -4.96 8.64
C ALA B 300 17.96 -5.86 9.78
N ILE B 301 18.35 -7.13 9.78
CA ILE B 301 18.00 -8.00 10.89
C ILE B 301 18.70 -7.60 12.19
N ALA B 302 19.98 -7.26 12.09
CA ALA B 302 20.70 -6.76 13.25
C ALA B 302 19.96 -5.55 13.83
N ALA B 303 19.71 -4.57 12.98
CA ALA B 303 19.20 -3.30 13.45
C ALA B 303 17.76 -3.40 13.96
N LEU B 304 17.00 -4.33 13.40
CA LEU B 304 15.63 -4.54 13.91
C LEU B 304 15.52 -5.45 15.14
N HIS B 305 16.52 -6.32 15.34
CA HIS B 305 16.53 -7.18 16.50
C HIS B 305 17.00 -6.45 17.74
N GLN B 306 18.07 -5.67 17.58
CA GLN B 306 18.49 -4.67 18.58
C GLN B 306 17.33 -3.88 19.17
N LEU B 307 16.16 -4.03 18.60
CA LEU B 307 15.01 -3.27 19.03
C LEU B 307 13.96 -4.15 19.66
N GLY B 308 14.41 -5.29 20.17
CA GLY B 308 13.52 -6.28 20.75
C GLY B 308 12.44 -6.69 19.77
N TYR B 309 12.85 -7.10 18.58
CA TYR B 309 11.97 -7.80 17.66
C TYR B 309 12.37 -9.26 17.56
N ASP B 310 11.40 -10.09 17.19
CA ASP B 310 11.60 -11.54 17.10
C ASP B 310 12.35 -11.87 15.83
N PRO B 311 13.57 -12.43 15.95
CA PRO B 311 14.34 -12.88 14.78
C PRO B 311 13.51 -13.74 13.81
N LYS B 312 12.99 -14.87 14.28
CA LYS B 312 12.24 -15.80 13.41
C LYS B 312 11.22 -15.09 12.50
N ASP B 313 10.39 -14.22 13.08
CA ASP B 313 9.46 -13.38 12.29
C ASP B 313 10.24 -12.41 11.42
N LEU B 314 11.29 -11.85 11.98
CA LEU B 314 12.14 -10.95 11.22
C LEU B 314 12.64 -11.67 9.98
N ALA B 315 13.43 -12.72 10.19
CA ALA B 315 14.11 -13.42 9.10
C ALA B 315 13.19 -14.19 8.13
N SER B 316 11.95 -14.43 8.53
CA SER B 316 10.97 -15.01 7.63
C SER B 316 10.08 -13.94 7.00
N SER B 317 10.35 -12.68 7.33
CA SER B 317 9.78 -11.58 6.55
C SER B 317 10.68 -11.28 5.36
N LEU B 318 11.98 -11.56 5.51
CA LEU B 318 12.94 -11.47 4.39
C LEU B 318 12.68 -12.46 3.25
N GLU B 319 11.84 -13.46 3.51
CA GLU B 319 11.45 -14.38 2.46
C GLU B 319 10.45 -13.76 1.49
N THR B 320 9.65 -12.83 1.97
CA THR B 320 8.71 -12.14 1.10
C THR B 320 9.38 -11.03 0.25
N PHE B 321 10.53 -10.55 0.71
CA PHE B 321 11.25 -9.46 0.04
C PHE B 321 11.90 -9.91 -1.27
N THR B 322 11.55 -9.24 -2.37
CA THR B 322 11.91 -9.71 -3.72
C THR B 322 12.86 -8.80 -4.51
N GLY B 323 13.28 -7.69 -3.91
CA GLY B 323 14.08 -6.69 -4.62
C GLY B 323 13.58 -5.26 -4.40
N VAL B 324 13.54 -4.47 -5.46
CA VAL B 324 13.42 -3.00 -5.36
C VAL B 324 13.10 -2.41 -6.74
N GLU B 325 11.81 -2.28 -7.06
CA GLU B 325 11.40 -1.86 -8.40
C GLU B 325 12.50 -1.13 -9.21
N GLY B 326 13.21 -1.86 -10.08
CA GLY B 326 14.29 -1.27 -10.87
C GLY B 326 15.65 -1.88 -10.58
N ARG B 327 15.94 -2.24 -9.33
CA ARG B 327 17.19 -2.95 -9.02
C ARG B 327 16.97 -4.44 -9.24
N PHE B 328 17.71 -5.02 -10.18
CA PHE B 328 17.66 -6.46 -10.40
C PHE B 328 16.27 -7.04 -10.22
N GLU B 329 15.32 -6.55 -11.01
CA GLU B 329 13.94 -6.98 -10.88
C GLU B 329 13.66 -8.24 -11.70
N VAL B 330 14.02 -9.41 -11.18
CA VAL B 330 13.65 -10.66 -11.85
C VAL B 330 12.16 -10.69 -12.17
N VAL B 331 11.82 -10.81 -13.45
CA VAL B 331 10.45 -11.10 -13.86
C VAL B 331 10.23 -12.62 -13.76
N ARG B 332 9.98 -13.08 -12.54
CA ARG B 332 9.88 -14.51 -12.29
C ARG B 332 8.80 -15.19 -13.15
N GLY B 333 7.75 -14.44 -13.49
CA GLY B 333 6.61 -14.97 -14.25
C GLY B 333 6.95 -15.50 -15.63
N ALA B 334 8.24 -15.41 -15.99
CA ALA B 334 8.70 -15.68 -17.34
C ALA B 334 9.53 -16.96 -17.37
N LYS B 335 9.52 -17.69 -16.26
CA LYS B 335 10.02 -19.05 -16.26
C LYS B 335 8.96 -20.01 -16.78
N LYS B 336 7.76 -19.46 -17.07
CA LYS B 336 6.69 -20.22 -17.74
C LYS B 336 7.05 -20.60 -19.18
N ILE B 337 7.61 -19.65 -19.94
CA ILE B 337 8.37 -19.97 -21.16
C ILE B 337 9.78 -20.34 -20.74
N GLY B 338 10.71 -20.36 -21.68
CA GLY B 338 12.05 -20.86 -21.42
C GLY B 338 12.75 -20.19 -20.22
N LEU B 339 12.97 -18.89 -20.35
CA LEU B 339 14.14 -18.24 -19.79
C LEU B 339 13.85 -17.56 -18.46
N ASN B 340 14.90 -17.04 -17.85
CA ASN B 340 14.74 -16.08 -16.77
C ASN B 340 15.27 -14.65 -17.07
N VAL B 341 14.42 -13.66 -16.82
CA VAL B 341 14.57 -12.31 -17.35
C VAL B 341 14.76 -11.35 -16.17
N VAL B 342 15.72 -10.43 -16.26
CA VAL B 342 15.87 -9.43 -15.20
C VAL B 342 15.88 -7.98 -15.71
N VAL B 343 14.88 -7.23 -15.29
CA VAL B 343 14.71 -5.81 -15.62
C VAL B 343 15.42 -4.92 -14.62
N ASP B 344 16.41 -4.18 -15.09
CA ASP B 344 17.15 -3.18 -14.29
C ASP B 344 17.01 -1.75 -14.89
N PHE B 345 17.70 -0.78 -14.29
CA PHE B 345 17.78 0.59 -14.85
C PHE B 345 19.17 0.93 -15.43
N ALA B 346 20.17 1.12 -14.58
CA ALA B 346 21.59 1.13 -14.97
C ALA B 346 21.96 1.88 -16.25
N HIS B 347 21.89 3.21 -16.21
CA HIS B 347 22.20 4.08 -17.35
C HIS B 347 23.64 4.61 -17.29
N SER B 348 24.46 4.01 -16.44
CA SER B 348 25.90 4.32 -16.42
C SER B 348 26.66 3.18 -17.09
N PRO B 349 27.85 3.49 -17.64
CA PRO B 349 28.74 2.44 -18.12
C PRO B 349 29.31 1.57 -16.99
N ASP B 350 29.38 2.09 -15.77
CA ASP B 350 29.79 1.28 -14.61
C ASP B 350 28.63 0.43 -14.09
N ALA B 351 27.49 1.07 -13.88
CA ALA B 351 26.28 0.37 -13.48
C ALA B 351 26.05 -0.85 -14.36
N LEU B 352 26.16 -0.63 -15.66
CA LEU B 352 25.95 -1.66 -16.64
C LEU B 352 26.92 -2.83 -16.50
N GLU B 353 28.20 -2.56 -16.35
CA GLU B 353 29.16 -3.63 -16.04
C GLU B 353 28.80 -4.37 -14.76
N LYS B 354 28.64 -3.64 -13.67
CA LYS B 354 28.29 -4.25 -12.38
C LYS B 354 27.15 -5.22 -12.57
N LEU B 355 26.23 -4.86 -13.46
CA LEU B 355 25.02 -5.63 -13.69
C LEU B 355 25.32 -6.94 -14.39
N LEU B 356 25.73 -6.84 -15.65
CA LEU B 356 26.09 -8.00 -16.45
C LEU B 356 27.11 -8.89 -15.74
N LYS B 357 27.89 -8.29 -14.82
CA LYS B 357 28.86 -9.06 -14.04
C LYS B 357 28.17 -10.00 -13.08
N ASN B 358 27.19 -9.47 -12.36
CA ASN B 358 26.40 -10.26 -11.41
C ASN B 358 25.60 -11.27 -12.20
N VAL B 359 24.86 -10.78 -13.19
CA VAL B 359 24.05 -11.66 -14.02
C VAL B 359 24.90 -12.82 -14.55
N ARG B 360 26.18 -12.56 -14.77
CA ARG B 360 27.07 -13.59 -15.28
C ARG B 360 27.20 -14.72 -14.27
N LYS B 361 27.34 -14.33 -13.00
CA LYS B 361 27.77 -15.22 -11.93
C LYS B 361 26.69 -16.22 -11.55
N ILE B 362 25.51 -16.05 -12.12
CA ILE B 362 24.35 -16.80 -11.70
C ILE B 362 23.73 -17.62 -12.87
N SER B 363 24.22 -17.36 -14.08
CA SER B 363 23.55 -17.84 -15.29
C SER B 363 24.29 -18.98 -16.00
N GLN B 364 23.58 -20.08 -16.17
CA GLN B 364 24.17 -21.32 -16.64
C GLN B 364 24.19 -21.39 -18.17
N GLY B 365 23.41 -20.54 -18.80
CA GLY B 365 23.39 -20.47 -20.26
C GLY B 365 24.12 -19.24 -20.75
N ARG B 366 23.65 -18.72 -21.89
CA ARG B 366 24.04 -17.41 -22.42
C ARG B 366 23.35 -16.28 -21.65
N VAL B 367 23.79 -15.06 -21.88
CA VAL B 367 23.06 -13.87 -21.42
C VAL B 367 22.92 -12.75 -22.46
N ILE B 368 21.69 -12.36 -22.71
CA ILE B 368 21.41 -11.34 -23.71
C ILE B 368 21.04 -10.02 -23.06
N VAL B 369 21.50 -8.92 -23.65
CA VAL B 369 21.27 -7.63 -23.07
C VAL B 369 20.60 -6.64 -24.02
N VAL B 370 19.54 -6.01 -23.54
CA VAL B 370 18.75 -5.11 -24.34
C VAL B 370 18.80 -3.75 -23.70
N PHE B 371 19.28 -2.75 -24.41
CA PHE B 371 19.29 -1.39 -23.87
C PHE B 371 19.34 -0.26 -24.88
N GLY B 372 18.89 0.90 -24.44
CA GLY B 372 19.16 2.14 -25.15
C GLY B 372 19.94 3.04 -24.21
N ALA B 373 20.07 4.30 -24.60
CA ALA B 373 20.81 5.28 -23.82
C ALA B 373 20.01 6.58 -23.66
N GLY B 374 20.32 7.32 -22.61
CA GLY B 374 19.55 8.51 -22.26
C GLY B 374 19.77 9.71 -23.16
N GLY B 375 18.68 10.26 -23.68
CA GLY B 375 18.72 11.51 -24.43
C GLY B 375 18.96 12.71 -23.53
N ASN B 376 20.06 13.42 -23.79
CA ASN B 376 20.52 14.56 -22.99
C ASN B 376 21.31 14.14 -21.78
N SER B 377 22.14 13.12 -21.98
CA SER B 377 23.15 12.74 -21.02
C SER B 377 24.50 13.11 -21.57
N ASP B 378 25.55 12.67 -20.88
CA ASP B 378 26.90 12.74 -21.40
C ASP B 378 26.95 12.00 -22.73
N ARG B 379 26.90 12.78 -23.80
CA ARG B 379 27.01 12.25 -25.14
C ARG B 379 28.24 11.35 -25.30
N GLY B 380 29.15 11.36 -24.33
CA GLY B 380 30.49 10.76 -24.49
C GLY B 380 30.67 9.44 -23.74
N LYS B 381 29.83 9.23 -22.71
CA LYS B 381 29.86 7.97 -21.96
C LYS B 381 29.13 6.87 -22.73
N ARG B 382 28.46 7.26 -23.81
CA ARG B 382 27.62 6.34 -24.60
C ARG B 382 28.35 5.17 -25.25
N PRO B 383 29.43 5.43 -26.00
CA PRO B 383 30.09 4.31 -26.67
C PRO B 383 30.94 3.46 -25.73
N MSE B 384 31.22 3.96 -24.55
CA MSE B 384 31.92 3.13 -23.58
C MSE B 384 30.94 2.36 -22.74
O MSE B 384 31.30 1.39 -22.08
CB MSE B 384 32.91 3.91 -22.73
CG MSE B 384 32.20 5.10 -22.08
SE MSE B 384 33.59 6.03 -21.05
CE MSE B 384 32.95 5.71 -19.21
N MSE B 385 29.67 2.79 -22.79
CA MSE B 385 28.55 1.99 -22.29
C MSE B 385 28.33 0.79 -23.18
O MSE B 385 28.25 -0.35 -22.71
CB MSE B 385 27.30 2.86 -22.30
CG MSE B 385 26.24 2.40 -21.30
SE MSE B 385 24.97 3.89 -21.00
CE MSE B 385 23.50 3.28 -22.17
N SER B 386 28.24 1.03 -24.48
CA SER B 386 28.11 -0.04 -25.45
C SER B 386 29.34 -0.96 -25.46
N GLU B 387 30.51 -0.35 -25.48
CA GLU B 387 31.76 -1.08 -25.33
C GLU B 387 31.69 -2.11 -24.19
N VAL B 388 31.11 -1.70 -23.06
CA VAL B 388 31.07 -2.57 -21.87
C VAL B 388 30.33 -3.82 -22.24
N ALA B 389 29.03 -3.65 -22.53
CA ALA B 389 28.14 -4.71 -22.95
C ALA B 389 28.81 -5.61 -23.98
N SER B 390 29.28 -5.02 -25.07
CA SER B 390 29.82 -5.79 -26.17
C SER B 390 30.73 -6.93 -25.71
N LYS B 391 31.48 -6.72 -24.64
CA LYS B 391 32.41 -7.75 -24.20
C LYS B 391 31.95 -8.54 -22.98
N LEU B 392 31.00 -7.99 -22.22
CA LEU B 392 30.42 -8.70 -21.08
C LEU B 392 29.14 -9.50 -21.42
N ALA B 393 28.75 -9.52 -22.68
CA ALA B 393 27.49 -10.14 -23.07
C ALA B 393 27.59 -10.87 -24.39
N ASP B 394 26.90 -12.00 -24.45
CA ASP B 394 26.89 -12.82 -25.63
C ASP B 394 26.27 -12.07 -26.79
N VAL B 395 24.96 -11.80 -26.72
CA VAL B 395 24.29 -10.94 -27.71
C VAL B 395 23.90 -9.55 -27.13
N VAL B 396 24.27 -8.48 -27.82
CA VAL B 396 23.84 -7.14 -27.45
C VAL B 396 22.72 -6.62 -28.36
N ILE B 397 21.64 -6.13 -27.77
CA ILE B 397 20.53 -5.57 -28.58
C ILE B 397 20.22 -4.13 -28.25
N LEU B 398 20.47 -3.24 -29.21
CA LEU B 398 20.32 -1.82 -28.99
C LEU B 398 18.94 -1.38 -29.36
N THR B 399 18.26 -0.72 -28.43
CA THR B 399 17.00 -0.05 -28.79
C THR B 399 17.01 1.39 -28.38
N THR B 400 16.00 2.10 -28.85
CA THR B 400 15.65 3.39 -28.31
C THR B 400 15.25 3.26 -26.82
N ASP B 401 15.52 4.31 -26.05
CA ASP B 401 15.34 4.30 -24.61
C ASP B 401 14.44 5.47 -24.19
N ASP B 402 15.03 6.43 -23.49
CA ASP B 402 14.40 7.73 -23.20
C ASP B 402 15.09 8.81 -24.03
N PRO B 403 14.62 9.02 -25.27
CA PRO B 403 15.29 9.97 -26.14
C PRO B 403 14.61 11.31 -25.97
N ARG B 404 15.15 12.17 -25.10
CA ARG B 404 14.29 13.16 -24.46
C ARG B 404 13.95 14.42 -25.30
N GLY B 405 14.94 15.27 -25.51
CA GLY B 405 14.91 16.15 -26.66
C GLY B 405 15.55 15.39 -27.79
N GLU B 406 16.67 14.74 -27.46
CA GLU B 406 17.63 14.34 -28.45
C GLU B 406 17.01 13.52 -29.59
N ASP B 407 17.75 13.43 -30.68
CA ASP B 407 17.30 12.70 -31.84
C ASP B 407 17.82 11.26 -31.74
N PRO B 408 16.88 10.29 -31.64
CA PRO B 408 17.17 8.87 -31.47
C PRO B 408 18.35 8.32 -32.32
N GLU B 409 18.47 8.74 -33.58
CA GLU B 409 19.62 8.32 -34.40
C GLU B 409 20.91 8.83 -33.78
N GLN B 410 21.00 10.13 -33.55
CA GLN B 410 22.17 10.68 -32.89
C GLN B 410 22.60 9.75 -31.76
N ILE B 411 21.65 9.46 -30.86
CA ILE B 411 21.90 8.58 -29.71
C ILE B 411 22.54 7.27 -30.14
N MSE B 412 22.06 6.73 -31.26
CA MSE B 412 22.43 5.41 -31.72
C MSE B 412 23.79 5.40 -32.36
O MSE B 412 24.64 4.58 -31.99
CB MSE B 412 21.39 4.90 -32.70
CG MSE B 412 21.64 3.43 -33.02
SE MSE B 412 20.96 2.24 -31.59
CE MSE B 412 19.05 2.69 -31.79
N GLU B 413 24.00 6.29 -33.33
CA GLU B 413 25.32 6.40 -33.97
C GLU B 413 26.39 6.33 -32.89
N ASP B 414 26.17 7.10 -31.82
CA ASP B 414 27.09 7.18 -30.71
C ASP B 414 27.26 5.83 -30.05
N LEU B 415 26.17 5.08 -29.95
CA LEU B 415 26.19 3.78 -29.28
C LEU B 415 26.94 2.75 -30.08
N ILE B 416 26.59 2.63 -31.36
CA ILE B 416 27.24 1.67 -32.26
C ILE B 416 28.76 1.75 -32.19
N LYS B 417 29.29 2.96 -32.00
CA LYS B 417 30.73 3.21 -32.09
C LYS B 417 31.51 2.61 -30.92
N GLY B 418 30.81 2.06 -29.95
CA GLY B 418 31.47 1.29 -28.91
C GLY B 418 31.39 -0.19 -29.22
N ILE B 419 30.39 -0.57 -29.99
CA ILE B 419 30.06 -1.98 -30.22
C ILE B 419 31.22 -2.72 -30.87
N ASP B 420 31.67 -3.78 -30.20
CA ASP B 420 32.62 -4.72 -30.80
C ASP B 420 32.00 -5.50 -31.97
N LYS B 421 32.34 -5.08 -33.19
CA LYS B 421 31.68 -5.54 -34.42
C LYS B 421 31.96 -6.99 -34.76
N ARG B 422 33.04 -7.56 -34.21
CA ARG B 422 33.31 -8.99 -34.32
C ARG B 422 32.20 -9.82 -33.70
N LYS B 423 31.61 -9.31 -32.62
CA LYS B 423 30.57 -10.05 -31.90
C LYS B 423 29.19 -9.83 -32.53
N PRO B 424 28.33 -10.87 -32.52
CA PRO B 424 26.95 -10.64 -32.93
C PRO B 424 26.35 -9.49 -32.13
N TYR B 425 25.84 -8.50 -32.83
CA TYR B 425 24.99 -7.52 -32.18
C TYR B 425 23.81 -7.24 -33.09
N LEU B 426 23.01 -6.25 -32.73
CA LEU B 426 21.67 -6.20 -33.27
C LEU B 426 20.93 -4.96 -32.79
N VAL B 427 20.29 -4.24 -33.70
CA VAL B 427 19.80 -2.88 -33.40
C VAL B 427 18.39 -2.61 -33.90
N LEU B 428 17.44 -2.59 -32.97
CA LEU B 428 16.04 -2.31 -33.29
C LEU B 428 15.55 -1.08 -32.55
N PHE B 429 15.00 -0.13 -33.31
CA PHE B 429 14.70 1.17 -32.76
C PHE B 429 13.50 1.08 -31.87
N ASP B 430 12.49 0.33 -32.30
CA ASP B 430 11.28 0.17 -31.49
C ASP B 430 11.48 -0.77 -30.29
N ARG B 431 11.25 -0.26 -29.08
CA ARG B 431 11.59 -0.97 -27.86
C ARG B 431 10.69 -2.17 -27.56
N ARG B 432 9.43 -2.07 -27.94
CA ARG B 432 8.57 -3.24 -28.01
C ARG B 432 9.27 -4.35 -28.80
N GLU B 433 9.51 -4.07 -30.08
CA GLU B 433 10.09 -5.05 -30.99
C GLU B 433 11.41 -5.63 -30.53
N ALA B 434 12.15 -4.86 -29.74
CA ALA B 434 13.45 -5.28 -29.25
C ALA B 434 13.29 -6.35 -28.18
N ILE B 435 12.34 -6.12 -27.29
CA ILE B 435 12.12 -7.01 -26.18
C ILE B 435 11.54 -8.32 -26.68
N GLU B 436 10.49 -8.23 -27.49
CA GLU B 436 10.01 -9.35 -28.27
C GLU B 436 11.19 -10.11 -28.86
N THR B 437 11.95 -9.47 -29.76
CA THR B 437 13.00 -10.18 -30.50
C THR B 437 13.90 -10.94 -29.55
N ALA B 438 14.27 -10.28 -28.46
CA ALA B 438 15.27 -10.82 -27.56
C ALA B 438 14.79 -12.07 -26.84
N LEU B 439 13.50 -12.20 -26.59
CA LEU B 439 12.97 -13.38 -25.90
C LEU B 439 12.92 -14.55 -26.86
N THR B 440 12.82 -14.23 -28.14
CA THR B 440 12.78 -15.26 -29.14
C THR B 440 14.17 -15.82 -29.39
N ILE B 441 15.13 -14.95 -29.67
CA ILE B 441 16.46 -15.40 -30.01
C ILE B 441 17.12 -16.08 -28.84
N ALA B 442 16.54 -15.90 -27.65
CA ALA B 442 17.04 -16.63 -26.48
C ALA B 442 16.64 -18.12 -26.44
N ASN B 443 17.63 -18.95 -26.19
CA ASN B 443 17.42 -20.36 -25.92
C ASN B 443 16.98 -20.63 -24.50
N ARG B 444 16.14 -21.65 -24.34
CA ARG B 444 15.75 -22.19 -23.04
C ARG B 444 16.95 -22.19 -22.08
N GLY B 445 16.78 -21.56 -20.92
CA GLY B 445 17.83 -21.52 -19.90
C GLY B 445 18.73 -20.30 -19.99
N ASP B 446 18.53 -19.49 -21.03
CA ASP B 446 19.31 -18.28 -21.20
C ASP B 446 18.87 -17.15 -20.27
N SER B 447 19.59 -16.04 -20.32
CA SER B 447 19.25 -14.89 -19.49
C SER B 447 19.12 -13.65 -20.33
N VAL B 448 18.02 -12.92 -20.12
CA VAL B 448 17.74 -11.72 -20.87
C VAL B 448 17.72 -10.49 -19.95
N VAL B 449 18.54 -9.49 -20.28
CA VAL B 449 18.66 -8.30 -19.44
C VAL B 449 18.14 -7.06 -20.12
N ILE B 450 17.15 -6.42 -19.51
CA ILE B 450 16.54 -5.24 -20.10
C ILE B 450 16.84 -3.97 -19.30
N ALA B 451 18.05 -3.46 -19.47
CA ALA B 451 18.50 -2.29 -18.74
C ALA B 451 18.18 -0.99 -19.49
N GLY B 452 18.40 0.13 -18.83
CA GLY B 452 18.07 1.44 -19.39
C GLY B 452 17.10 2.22 -18.51
N ARG B 453 15.87 1.73 -18.43
CA ARG B 453 14.75 2.47 -17.84
C ARG B 453 14.38 2.05 -16.41
N GLY B 454 14.06 0.77 -16.22
CA GLY B 454 13.73 0.26 -14.89
C GLY B 454 12.24 0.29 -14.58
N HIS B 455 11.88 0.97 -13.51
CA HIS B 455 10.46 1.15 -13.17
C HIS B 455 9.72 2.15 -14.05
N GLU B 456 10.44 3.18 -14.50
CA GLU B 456 9.84 4.26 -15.28
C GLU B 456 8.52 3.87 -15.95
N ARG B 457 7.47 4.66 -15.71
CA ARG B 457 6.11 4.33 -16.12
C ARG B 457 5.89 4.77 -17.55
N TYR B 458 6.62 5.82 -17.93
CA TYR B 458 6.47 6.42 -19.25
C TYR B 458 7.77 6.45 -20.03
N GLN B 459 7.64 6.53 -21.35
CA GLN B 459 8.79 6.59 -22.24
C GLN B 459 8.81 7.96 -22.88
N ILE B 460 9.70 8.84 -22.39
CA ILE B 460 9.70 10.25 -22.78
C ILE B 460 10.46 10.48 -24.08
N ILE B 461 9.72 10.60 -25.17
CA ILE B 461 10.32 10.74 -26.49
C ILE B 461 10.55 12.21 -26.77
N ASP B 462 9.46 12.94 -27.01
CA ASP B 462 9.53 14.39 -26.98
C ASP B 462 9.67 14.79 -25.52
N GLU B 463 10.50 15.79 -25.24
CA GLU B 463 10.55 16.40 -23.92
C GLU B 463 9.24 16.14 -23.21
N GLU B 464 8.15 16.55 -23.87
CA GLU B 464 6.80 16.32 -23.38
C GLU B 464 5.86 15.82 -24.49
N LYS B 465 6.08 14.60 -24.94
CA LYS B 465 5.10 13.77 -25.68
C LYS B 465 5.37 12.29 -25.42
N LYS B 466 4.93 11.80 -24.27
CA LYS B 466 5.43 10.53 -23.72
C LYS B 466 4.40 9.41 -23.80
N VAL B 467 4.87 8.22 -24.16
CA VAL B 467 3.98 7.07 -24.32
C VAL B 467 4.10 5.99 -23.24
N PRO B 468 3.04 5.20 -23.07
CA PRO B 468 2.86 4.24 -21.99
C PRO B 468 3.69 2.98 -22.20
N PHE B 469 4.75 2.82 -21.41
CA PHE B 469 5.72 1.76 -21.66
C PHE B 469 6.51 1.43 -20.41
N GLN B 470 5.83 0.80 -19.46
CA GLN B 470 6.47 0.25 -18.26
C GLN B 470 7.24 -1.01 -18.65
N ASP B 471 8.49 -1.11 -18.20
CA ASP B 471 9.39 -2.16 -18.71
C ASP B 471 8.85 -3.56 -18.43
N ARG B 472 9.10 -4.07 -17.24
CA ARG B 472 8.63 -5.40 -16.86
C ARG B 472 7.18 -5.74 -17.26
N GLU B 473 6.27 -4.76 -17.16
CA GLU B 473 4.89 -4.95 -17.63
C GLU B 473 4.86 -5.56 -19.02
N VAL B 474 5.53 -4.88 -19.95
CA VAL B 474 5.66 -5.32 -21.32
C VAL B 474 6.32 -6.69 -21.43
N VAL B 475 7.38 -6.92 -20.67
CA VAL B 475 8.03 -8.24 -20.69
C VAL B 475 6.96 -9.28 -20.50
N GLU B 476 6.18 -9.12 -19.44
CA GLU B 476 5.31 -10.19 -19.01
C GLU B 476 4.04 -10.25 -19.86
N GLU B 477 3.67 -9.10 -20.42
CA GLU B 477 2.58 -9.01 -21.39
C GLU B 477 2.91 -9.82 -22.63
N ILE B 478 4.19 -9.81 -23.01
CA ILE B 478 4.73 -10.63 -24.11
C ILE B 478 4.79 -12.12 -23.78
N ILE B 479 5.29 -12.46 -22.58
CA ILE B 479 5.30 -13.85 -22.09
C ILE B 479 3.89 -14.45 -22.11
N ARG B 480 2.94 -13.69 -21.55
CA ARG B 480 1.53 -14.06 -21.58
C ARG B 480 1.02 -14.32 -23.01
N ASP B 481 0.76 -13.25 -23.75
CA ASP B 481 0.42 -13.32 -25.17
C ASP B 481 1.23 -14.37 -25.97
N LYS B 482 2.31 -14.88 -25.38
CA LYS B 482 3.13 -15.90 -26.04
C LYS B 482 2.70 -17.30 -25.65
N LEU B 483 2.12 -17.45 -24.47
CA LEU B 483 1.61 -18.75 -24.01
C LEU B 483 0.28 -19.19 -24.64
N LYS B 484 -0.56 -18.25 -25.02
CA LYS B 484 -1.70 -18.55 -25.89
C LYS B 484 -1.38 -19.53 -27.02
N GLY B 485 -0.11 -19.62 -27.42
CA GLY B 485 0.32 -20.37 -28.61
C GLY B 485 1.04 -21.68 -28.32
PB ADP C . -19.36 -9.24 5.42
O1B ADP C . -19.53 -9.08 6.92
O2B ADP C . -20.54 -9.81 4.69
O3B ADP C . -18.67 -8.07 4.75
PA ADP C . -17.09 -10.40 6.27
O1A ADP C . -15.87 -10.94 5.55
O2A ADP C . -17.04 -9.00 6.87
O3A ADP C . -18.31 -10.42 5.24
O5' ADP C . -17.65 -11.41 7.40
C5' ADP C . -18.20 -10.94 8.63
C4' ADP C . -17.86 -11.95 9.71
O4' ADP C . -18.21 -13.24 9.19
C3' ADP C . -16.37 -12.01 10.02
O3' ADP C . -16.17 -11.66 11.39
C2' ADP C . -15.89 -13.43 9.71
O2' ADP C . -15.38 -14.14 10.86
C1' ADP C . -17.13 -14.18 9.26
N9 ADP C . -16.94 -14.93 7.97
C8 ADP C . -16.22 -14.54 6.89
N7 ADP C . -16.29 -15.48 5.90
C5 ADP C . -17.06 -16.49 6.33
C6 ADP C . -17.55 -17.80 5.79
N6 ADP C . -17.22 -18.21 4.56
N1 ADP C . -18.34 -18.54 6.58
C2 ADP C . -18.69 -18.16 7.82
N3 ADP C . -18.29 -17.00 8.36
C4 ADP C . -17.49 -16.13 7.69
MG MG D . -19.72 -6.23 5.56
PB ADP E . 23.23 2.91 -3.39
O1B ADP E . 23.46 3.72 -4.65
O2B ADP E . 24.17 3.17 -2.23
O3B ADP E . 21.77 2.79 -3.04
PA ADP E . 22.59 0.38 -4.18
O1A ADP E . 22.12 -0.29 -2.90
O2A ADP E . 21.58 0.97 -5.14
O3A ADP E . 23.70 1.45 -3.79
O5' ADP E . 23.54 -0.63 -4.97
C5' ADP E . 24.52 -0.22 -5.94
C4' ADP E . 24.63 -1.47 -6.81
O4' ADP E . 25.57 -2.37 -6.20
C3' ADP E . 23.26 -2.13 -6.75
O3' ADP E . 22.78 -2.53 -8.03
C2' ADP E . 23.40 -3.32 -5.82
O2' ADP E . 22.73 -4.47 -6.33
C1' ADP E . 24.91 -3.54 -5.68
N9 ADP E . 25.22 -3.78 -4.25
C8 ADP E . 24.36 -3.62 -3.22
N7 ADP E . 24.92 -3.93 -2.03
C5 ADP E . 26.20 -4.30 -2.26
C6 ADP E . 27.36 -4.76 -1.43
N6 ADP E . 27.26 -4.88 -0.09
N1 ADP E . 28.52 -5.06 -2.08
C2 ADP E . 28.64 -4.96 -3.43
N3 ADP E . 27.63 -4.56 -4.23
C4 ADP E . 26.40 -4.21 -3.72
MG MG F . 21.40 4.87 -4.95
#